data_7L96
# 
_entry.id   7L96 
# 
_audit_conform.dict_name       mmcif_pdbx.dic 
_audit_conform.dict_version    5.409 
_audit_conform.dict_location   http://mmcif.pdb.org/dictionaries/ascii/mmcif_pdbx.dic 
# 
loop_
_database_2.database_id 
_database_2.database_code 
_database_2.pdbx_database_accession 
_database_2.pdbx_DOI 
PDB   7L96         pdb_00007l96 10.2210/pdb7l96/pdb 
WWPDB D_1000253911 ?            ?                   
BMRB  30838        ?            10.13018/BMR30838   
# 
loop_
_pdbx_audit_revision_history.ordinal 
_pdbx_audit_revision_history.data_content_type 
_pdbx_audit_revision_history.major_revision 
_pdbx_audit_revision_history.minor_revision 
_pdbx_audit_revision_history.revision_date 
_pdbx_audit_revision_history.part_number 
1 'Structure model' 1 0 2023-08-09 ? 
2 'Structure model' 2 0 2023-11-15 ? 
3 'Structure model' 3 0 2025-12-24 ? 
# 
_pdbx_audit_revision_details.ordinal             1 
_pdbx_audit_revision_details.revision_ordinal    1 
_pdbx_audit_revision_details.data_content_type   'Structure model' 
_pdbx_audit_revision_details.provider            repository 
_pdbx_audit_revision_details.type                'Initial release' 
_pdbx_audit_revision_details.description         ? 
_pdbx_audit_revision_details.details             ? 
# 
loop_
_pdbx_audit_revision_group.ordinal 
_pdbx_audit_revision_group.revision_ordinal 
_pdbx_audit_revision_group.data_content_type 
_pdbx_audit_revision_group.group 
1  2 'Structure model' 'Atomic model'            
2  2 'Structure model' 'Data collection'         
3  2 'Structure model' 'Derived calculations'    
4  3 'Structure model' 'Atomic model'            
5  3 'Structure model' 'Data collection'         
6  3 'Structure model' 'Database references'     
7  3 'Structure model' 'Derived calculations'    
8  3 'Structure model' 'Non-polymer description' 
9  3 'Structure model' 'Polymer sequence'        
10 3 'Structure model' 'Structure summary'       
# 
loop_
_pdbx_audit_revision_category.ordinal 
_pdbx_audit_revision_category.revision_ordinal 
_pdbx_audit_revision_category.data_content_type 
_pdbx_audit_revision_category.category 
1  2 'Structure model' atom_site                 
2  2 'Structure model' chem_comp_atom            
3  2 'Structure model' chem_comp_bond            
4  2 'Structure model' pdbx_validate_torsion     
5  2 'Structure model' struct_conn               
6  3 'Structure model' atom_site                 
7  3 'Structure model' chem_comp                 
8  3 'Structure model' chem_comp_atom            
9  3 'Structure model' chem_comp_bond            
10 3 'Structure model' database_2                
11 3 'Structure model' entity_poly               
12 3 'Structure model' entity_poly_seq           
13 3 'Structure model' pdbx_entry_details        
14 3 'Structure model' pdbx_modification_feature 
15 3 'Structure model' pdbx_poly_seq_scheme      
16 3 'Structure model' struct_conn               
# 
loop_
_pdbx_audit_revision_item.ordinal 
_pdbx_audit_revision_item.revision_ordinal 
_pdbx_audit_revision_item.data_content_type 
_pdbx_audit_revision_item.item 
1  2 'Structure model' '_atom_site.auth_atom_id'                      
2  2 'Structure model' '_atom_site.label_atom_id'                     
3  2 'Structure model' '_struct_conn.pdbx_leaving_atom_flag'          
4  2 'Structure model' '_struct_conn.ptnr2_label_atom_id'             
5  3 'Structure model' '_atom_site.Cartn_x'                           
6  3 'Structure model' '_atom_site.Cartn_y'                           
7  3 'Structure model' '_atom_site.Cartn_z'                           
8  3 'Structure model' '_atom_site.auth_atom_id'                      
9  3 'Structure model' '_atom_site.auth_comp_id'                      
10 3 'Structure model' '_atom_site.label_atom_id'                     
11 3 'Structure model' '_atom_site.label_comp_id'                     
12 3 'Structure model' '_atom_site.type_symbol'                       
13 3 'Structure model' '_chem_comp.id'                                
14 3 'Structure model' '_chem_comp.mon_nstd_flag'                     
15 3 'Structure model' '_chem_comp.name'                              
16 3 'Structure model' '_chem_comp.type'                              
17 3 'Structure model' '_chem_comp_atom.atom_id'                      
18 3 'Structure model' '_chem_comp_atom.comp_id'                      
19 3 'Structure model' '_chem_comp_atom.pdbx_aromatic_flag'           
20 3 'Structure model' '_chem_comp_atom.pdbx_stereo_config'           
21 3 'Structure model' '_chem_comp_atom.type_symbol'                  
22 3 'Structure model' '_chem_comp_bond.atom_id_1'                    
23 3 'Structure model' '_chem_comp_bond.atom_id_2'                    
24 3 'Structure model' '_chem_comp_bond.comp_id'                      
25 3 'Structure model' '_chem_comp_bond.pdbx_aromatic_flag'           
26 3 'Structure model' '_chem_comp_bond.value_order'                  
27 3 'Structure model' '_database_2.pdbx_DOI'                         
28 3 'Structure model' '_entity_poly.pdbx_seq_one_letter_code'        
29 3 'Structure model' '_entity_poly_seq.mon_id'                      
30 3 'Structure model' '_pdbx_entry_details.has_protein_modification' 
31 3 'Structure model' '_pdbx_poly_seq_scheme.mon_id'                 
32 3 'Structure model' '_pdbx_poly_seq_scheme.pdb_mon_id'             
33 3 'Structure model' '_struct_conn.ptnr2_auth_comp_id'              
34 3 'Structure model' '_struct_conn.ptnr2_label_comp_id'             
# 
_pdbx_database_status.status_code                     REL 
_pdbx_database_status.status_code_sf                  ? 
_pdbx_database_status.status_code_mr                  REL 
_pdbx_database_status.entry_id                        7L96 
_pdbx_database_status.recvd_initial_deposition_date   2021-01-02 
_pdbx_database_status.SG_entry                        N 
_pdbx_database_status.deposit_site                    RCSB 
_pdbx_database_status.process_site                    RCSB 
_pdbx_database_status.status_code_cs                  REL 
_pdbx_database_status.status_code_nmr_data            REL 
_pdbx_database_status.methods_development_category    ? 
_pdbx_database_status.pdb_format_compatible           Y 
# 
_pdbx_database_related.db_name        BMRB 
_pdbx_database_related.details        'Connecting hydrophobic surfaces in cyclic peptides increases membrane permeability' 
_pdbx_database_related.db_id          30838 
_pdbx_database_related.content_type   unspecified 
# 
_pdbx_contact_author.id                 2 
_pdbx_contact_author.email              h.hoang@uq.edu.au 
_pdbx_contact_author.name_first         Huy 
_pdbx_contact_author.name_last          Hoang 
_pdbx_contact_author.name_mi            n 
_pdbx_contact_author.role               'principal investigator/group leader' 
_pdbx_contact_author.identifier_ORCID   0000-0002-7124-6097 
# 
_audit_author.name               'Hoang, H.N.' 
_audit_author.pdbx_ordinal       1 
_audit_author.identifier_ORCID   0000-0002-7124-6097 
# 
_citation.abstract                  ? 
_citation.abstract_id_CAS           ? 
_citation.book_id_ISBN              ? 
_citation.book_publisher            ? 
_citation.book_publisher_city       ? 
_citation.book_title                ? 
_citation.coordinate_linkage        ? 
_citation.country                   GE 
_citation.database_id_Medline       ? 
_citation.details                   ? 
_citation.id                        primary 
_citation.journal_abbrev            Angew.Chem.Int.Ed.Engl. 
_citation.journal_id_ASTM           ACIEAY 
_citation.journal_id_CSD            0179 
_citation.journal_id_ISSN           1521-3773 
_citation.journal_full              ? 
_citation.journal_issue             ? 
_citation.journal_volume            60 
_citation.language                  ? 
_citation.page_first                8385 
_citation.page_last                 8390 
_citation.title                     'Connecting Hydrophobic Surfaces in Cyclic Peptides Increases Membrane Permeability.' 
_citation.year                      2021 
_citation.database_id_CSD           ? 
_citation.pdbx_database_id_DOI      10.1002/anie.202012643 
_citation.pdbx_database_id_PubMed   33185961 
_citation.pdbx_database_id_patent   ? 
_citation.unpublished_flag          ? 
# 
loop_
_citation_author.citation_id 
_citation_author.name 
_citation_author.ordinal 
_citation_author.identifier_ORCID 
primary 'Hoang, H.N.'   1 0000-0002-7124-6097 
primary 'Hill, T.A.'    2 0000-0001-9727-9930 
primary 'Fairlie, D.P.' 3 0000-0002-7856-8566 
# 
_entity.id                         1 
_entity.type                       polymer 
_entity.src_method                 syn 
_entity.pdbx_description           'Cyclic peptide LEU-DLE-LEU-LEU-DPR-N9K' 
_entity.formula_weight             744.961 
_entity.pdbx_number_of_molecules   1 
_entity.pdbx_ec                    ? 
_entity.pdbx_mutation              ? 
_entity.pdbx_fragment              ? 
_entity.details                    ? 
# 
_entity_poly.entity_id                      1 
_entity_poly.type                           'polypeptide(L)' 
_entity_poly.nstd_linkage                   no 
_entity_poly.nstd_monomer                   yes 
_entity_poly.pdbx_seq_one_letter_code       'L(DLE)LL(DPR)(YNM)' 
_entity_poly.pdbx_seq_one_letter_code_can   LLLLPX 
_entity_poly.pdbx_strand_id                 A 
_entity_poly.pdbx_target_identifier         ? 
# 
loop_
_entity_poly_seq.entity_id 
_entity_poly_seq.num 
_entity_poly_seq.mon_id 
_entity_poly_seq.hetero 
1 1 LEU n 
1 2 DLE n 
1 3 LEU n 
1 4 LEU n 
1 5 DPR n 
1 6 YNM n 
# 
_pdbx_entity_src_syn.entity_id              1 
_pdbx_entity_src_syn.pdbx_src_id            1 
_pdbx_entity_src_syn.pdbx_alt_source_flag   sample 
_pdbx_entity_src_syn.pdbx_beg_seq_num       1 
_pdbx_entity_src_syn.pdbx_end_seq_num       6 
_pdbx_entity_src_syn.organism_scientific    'Homo sapiens' 
_pdbx_entity_src_syn.organism_common_name   human 
_pdbx_entity_src_syn.ncbi_taxonomy_id       9606 
_pdbx_entity_src_syn.details                ? 
# 
loop_
_chem_comp.id 
_chem_comp.type 
_chem_comp.mon_nstd_flag 
_chem_comp.name 
_chem_comp.pdbx_synonyms 
_chem_comp.formula 
_chem_comp.formula_weight 
DLE 'D-peptide linking' . D-LEUCINE           ? 'C6 H13 N O2'  131.173 
DPR 'D-peptide linking' . D-PROLINE           ? 'C5 H9 N O2'   115.130 
LEU 'L-peptide linking' y LEUCINE             ? 'C6 H13 N O2'  131.173 
YNM 'L-peptide linking' n N-METHYL-L-TYROSINE ? 'C10 H13 N O3' 195.215 
# 
loop_
_pdbx_poly_seq_scheme.asym_id 
_pdbx_poly_seq_scheme.entity_id 
_pdbx_poly_seq_scheme.seq_id 
_pdbx_poly_seq_scheme.mon_id 
_pdbx_poly_seq_scheme.ndb_seq_num 
_pdbx_poly_seq_scheme.pdb_seq_num 
_pdbx_poly_seq_scheme.auth_seq_num 
_pdbx_poly_seq_scheme.pdb_mon_id 
_pdbx_poly_seq_scheme.auth_mon_id 
_pdbx_poly_seq_scheme.pdb_strand_id 
_pdbx_poly_seq_scheme.pdb_ins_code 
_pdbx_poly_seq_scheme.hetero 
A 1 1 LEU 1 1 1 LEU LEU A . n 
A 1 2 DLE 2 2 2 DLE LEU A . n 
A 1 3 LEU 3 3 3 LEU LEU A . n 
A 1 4 LEU 4 4 4 LEU LEU A . n 
A 1 5 DPR 5 5 5 DPR PRO A . n 
A 1 6 YNM 6 6 6 YNM NYR A . n 
# 
_exptl.absorpt_coefficient_mu     ? 
_exptl.absorpt_correction_T_max   ? 
_exptl.absorpt_correction_T_min   ? 
_exptl.absorpt_correction_type    ? 
_exptl.absorpt_process_details    ? 
_exptl.entry_id                   7L96 
_exptl.crystals_number            ? 
_exptl.details                    ? 
_exptl.method                     'SOLUTION NMR' 
_exptl.method_details             ? 
# 
_struct.entry_id                     7L96 
_struct.title                        'Connecting hydrophobic surfaces in cyclic peptides increases membrane permeability' 
_struct.pdbx_model_details           ? 
_struct.pdbx_formula_weight          ? 
_struct.pdbx_formula_weight_method   ? 
_struct.pdbx_model_type_details      ? 
_struct.pdbx_CASP_flag               N 
# 
_struct_keywords.entry_id        7L96 
_struct_keywords.text            'cyclic peptide, PEPTIDE BINDING PROTEIN' 
_struct_keywords.pdbx_keywords   'PEPTIDE BINDING PROTEIN' 
# 
_struct_asym.id                            A 
_struct_asym.pdbx_blank_PDB_chainid_flag   N 
_struct_asym.pdbx_modified                 N 
_struct_asym.entity_id                     1 
_struct_asym.details                       ? 
# 
_struct_ref.id                         1 
_struct_ref.db_name                    PDB 
_struct_ref.db_code                    7L96 
_struct_ref.pdbx_db_accession          7L96 
_struct_ref.pdbx_db_isoform            ? 
_struct_ref.entity_id                  1 
_struct_ref.pdbx_seq_one_letter_code   ? 
_struct_ref.pdbx_align_begin           1 
# 
_struct_ref_seq.align_id                      1 
_struct_ref_seq.ref_id                        1 
_struct_ref_seq.pdbx_PDB_id_code              7L96 
_struct_ref_seq.pdbx_strand_id                A 
_struct_ref_seq.seq_align_beg                 1 
_struct_ref_seq.pdbx_seq_align_beg_ins_code   ? 
_struct_ref_seq.seq_align_end                 6 
_struct_ref_seq.pdbx_seq_align_end_ins_code   ? 
_struct_ref_seq.pdbx_db_accession             7L96 
_struct_ref_seq.db_align_beg                  1 
_struct_ref_seq.pdbx_db_align_beg_ins_code    ? 
_struct_ref_seq.db_align_end                  6 
_struct_ref_seq.pdbx_db_align_end_ins_code    ? 
_struct_ref_seq.pdbx_auth_seq_align_beg       1 
_struct_ref_seq.pdbx_auth_seq_align_end       6 
# 
_pdbx_struct_assembly.id                   1 
_pdbx_struct_assembly.details              author_defined_assembly 
_pdbx_struct_assembly.method_details       ? 
_pdbx_struct_assembly.oligomeric_details   monomeric 
_pdbx_struct_assembly.oligomeric_count     1 
# 
_pdbx_struct_assembly_gen.assembly_id       1 
_pdbx_struct_assembly_gen.oper_expression   1 
_pdbx_struct_assembly_gen.asym_id_list      A 
# 
_pdbx_struct_assembly_auth_evidence.id                     1 
_pdbx_struct_assembly_auth_evidence.assembly_id            1 
_pdbx_struct_assembly_auth_evidence.experimental_support   none 
_pdbx_struct_assembly_auth_evidence.details                ? 
# 
_pdbx_struct_oper_list.id                   1 
_pdbx_struct_oper_list.type                 'identity operation' 
_pdbx_struct_oper_list.name                 1_555 
_pdbx_struct_oper_list.symmetry_operation   ? 
_pdbx_struct_oper_list.matrix[1][1]         1.0000000000 
_pdbx_struct_oper_list.matrix[1][2]         0.0000000000 
_pdbx_struct_oper_list.matrix[1][3]         0.0000000000 
_pdbx_struct_oper_list.vector[1]            0.0000000000 
_pdbx_struct_oper_list.matrix[2][1]         0.0000000000 
_pdbx_struct_oper_list.matrix[2][2]         1.0000000000 
_pdbx_struct_oper_list.matrix[2][3]         0.0000000000 
_pdbx_struct_oper_list.vector[2]            0.0000000000 
_pdbx_struct_oper_list.matrix[3][1]         0.0000000000 
_pdbx_struct_oper_list.matrix[3][2]         0.0000000000 
_pdbx_struct_oper_list.matrix[3][3]         1.0000000000 
_pdbx_struct_oper_list.vector[3]            0.0000000000 
# 
loop_
_struct_conn.id 
_struct_conn.conn_type_id 
_struct_conn.pdbx_leaving_atom_flag 
_struct_conn.pdbx_PDB_id 
_struct_conn.ptnr1_label_asym_id 
_struct_conn.ptnr1_label_comp_id 
_struct_conn.ptnr1_label_seq_id 
_struct_conn.ptnr1_label_atom_id 
_struct_conn.pdbx_ptnr1_label_alt_id 
_struct_conn.pdbx_ptnr1_PDB_ins_code 
_struct_conn.pdbx_ptnr1_standard_comp_id 
_struct_conn.ptnr1_symmetry 
_struct_conn.ptnr2_label_asym_id 
_struct_conn.ptnr2_label_comp_id 
_struct_conn.ptnr2_label_seq_id 
_struct_conn.ptnr2_label_atom_id 
_struct_conn.pdbx_ptnr2_label_alt_id 
_struct_conn.pdbx_ptnr2_PDB_ins_code 
_struct_conn.ptnr1_auth_asym_id 
_struct_conn.ptnr1_auth_comp_id 
_struct_conn.ptnr1_auth_seq_id 
_struct_conn.ptnr2_auth_asym_id 
_struct_conn.ptnr2_auth_comp_id 
_struct_conn.ptnr2_auth_seq_id 
_struct_conn.ptnr2_symmetry 
_struct_conn.pdbx_ptnr3_label_atom_id 
_struct_conn.pdbx_ptnr3_label_seq_id 
_struct_conn.pdbx_ptnr3_label_comp_id 
_struct_conn.pdbx_ptnr3_label_asym_id 
_struct_conn.pdbx_ptnr3_label_alt_id 
_struct_conn.pdbx_ptnr3_PDB_ins_code 
_struct_conn.details 
_struct_conn.pdbx_dist_value 
_struct_conn.pdbx_value_order 
_struct_conn.pdbx_role 
covale1 covale both ? A LEU 1 C ? ? ? 1_555 A DLE 2 N ? ? A LEU 1 A DLE 2 1_555 ? ? ? ? ? ? ? 1.329 ? ? 
covale2 covale both ? A LEU 1 N ? ? ? 1_555 A YNM 6 C ? ? A LEU 1 A YNM 6 1_555 ? ? ? ? ? ? ? 1.330 ? ? 
covale3 covale both ? A DLE 2 C ? ? ? 1_555 A LEU 3 N ? ? A DLE 2 A LEU 3 1_555 ? ? ? ? ? ? ? 1.329 ? ? 
covale4 covale both ? A LEU 4 C ? ? ? 1_555 A DPR 5 N ? ? A LEU 4 A DPR 5 1_555 ? ? ? ? ? ? ? 1.345 ? ? 
covale5 covale both ? A DPR 5 C ? ? ? 1_555 A YNM 6 N ? ? A DPR 5 A YNM 6 1_555 ? ? ? ? ? ? ? 1.339 ? ? 
# 
_struct_conn_type.id          covale 
_struct_conn_type.criteria    ? 
_struct_conn_type.reference   ? 
# 
loop_
_pdbx_modification_feature.ordinal 
_pdbx_modification_feature.label_comp_id 
_pdbx_modification_feature.label_asym_id 
_pdbx_modification_feature.label_seq_id 
_pdbx_modification_feature.label_alt_id 
_pdbx_modification_feature.modified_residue_label_comp_id 
_pdbx_modification_feature.modified_residue_label_asym_id 
_pdbx_modification_feature.modified_residue_label_seq_id 
_pdbx_modification_feature.modified_residue_label_alt_id 
_pdbx_modification_feature.auth_comp_id 
_pdbx_modification_feature.auth_asym_id 
_pdbx_modification_feature.auth_seq_id 
_pdbx_modification_feature.PDB_ins_code 
_pdbx_modification_feature.symmetry 
_pdbx_modification_feature.modified_residue_auth_comp_id 
_pdbx_modification_feature.modified_residue_auth_asym_id 
_pdbx_modification_feature.modified_residue_auth_seq_id 
_pdbx_modification_feature.modified_residue_PDB_ins_code 
_pdbx_modification_feature.modified_residue_symmetry 
_pdbx_modification_feature.comp_id_linking_atom 
_pdbx_modification_feature.modified_residue_id_linking_atom 
_pdbx_modification_feature.modified_residue_id 
_pdbx_modification_feature.ref_pcm_id 
_pdbx_modification_feature.ref_comp_id 
_pdbx_modification_feature.type 
_pdbx_modification_feature.category 
1 YNM A 6 ? .   . . . YNM A 6 ? 1_555 .   . . . .     . . TYR 1 YNM Methylation 'Named protein modification' 
2 LEU A 1 ? YNM A 6 ? LEU A 1 ? 1_555 YNM A 6 ? 1_555 N C .   . .   None        'Non-standard linkage'       
# 
_pdbx_entry_details.entry_id                   7L96 
_pdbx_entry_details.nonpolymer_details         ? 
_pdbx_entry_details.sequence_details           ? 
_pdbx_entry_details.compound_details           ? 
_pdbx_entry_details.source_details             ? 
_pdbx_entry_details.has_ligand_of_interest     Y 
_pdbx_entry_details.has_protein_modification   Y 
# 
loop_
_pdbx_validate_torsion.id 
_pdbx_validate_torsion.PDB_model_num 
_pdbx_validate_torsion.auth_comp_id 
_pdbx_validate_torsion.auth_asym_id 
_pdbx_validate_torsion.auth_seq_id 
_pdbx_validate_torsion.PDB_ins_code 
_pdbx_validate_torsion.label_alt_id 
_pdbx_validate_torsion.phi 
_pdbx_validate_torsion.psi 
1 3 DPR A 5 ? ? 59.06 -109.37 
2 4 DPR A 5 ? ? 59.72 -109.54 
# 
_pdbx_nmr_ensemble.entry_id                                      7L96 
_pdbx_nmr_ensemble.conformers_calculated_total_number            50 
_pdbx_nmr_ensemble.conformers_submitted_total_number             5 
_pdbx_nmr_ensemble.conformer_selection_criteria                  'structures with the lowest energy' 
_pdbx_nmr_ensemble.representative_conformer                      ? 
_pdbx_nmr_ensemble.average_constraints_per_residue               ? 
_pdbx_nmr_ensemble.average_constraint_violations_per_residue     ? 
_pdbx_nmr_ensemble.maximum_distance_constraint_violation         ? 
_pdbx_nmr_ensemble.average_distance_constraint_violation         ? 
_pdbx_nmr_ensemble.maximum_upper_distance_constraint_violation   ? 
_pdbx_nmr_ensemble.maximum_lower_distance_constraint_violation   ? 
_pdbx_nmr_ensemble.distance_constraint_violation_method          ? 
_pdbx_nmr_ensemble.maximum_torsion_angle_constraint_violation    ? 
_pdbx_nmr_ensemble.average_torsion_angle_constraint_violation    ? 
_pdbx_nmr_ensemble.torsion_angle_constraint_violation_method     ? 
# 
_pdbx_nmr_representative.entry_id             7L96 
_pdbx_nmr_representative.conformer_id         1 
_pdbx_nmr_representative.selection_criteria   'lowest energy' 
# 
_pdbx_nmr_sample_details.solution_id      1 
_pdbx_nmr_sample_details.contents         '1.0 mM cyclic peptide LEU-DLE-LEU-LEU-DPR-N9K, chloroform' 
_pdbx_nmr_sample_details.solvent_system   chloroform 
_pdbx_nmr_sample_details.label            1h 
_pdbx_nmr_sample_details.type             solution 
_pdbx_nmr_sample_details.details          ? 
# 
_pdbx_nmr_exptl_sample.solution_id           1 
_pdbx_nmr_exptl_sample.component             'cyclic peptide LEU-DLE-LEU-LEU-DPR-N9K' 
_pdbx_nmr_exptl_sample.concentration         1.0 
_pdbx_nmr_exptl_sample.concentration_range   ? 
_pdbx_nmr_exptl_sample.concentration_units   mM 
_pdbx_nmr_exptl_sample.isotopic_labeling     'natural abundance' 
# 
_pdbx_nmr_exptl_sample_conditions.conditions_id          1 
_pdbx_nmr_exptl_sample_conditions.temperature            298 
_pdbx_nmr_exptl_sample_conditions.pressure_units         atm 
_pdbx_nmr_exptl_sample_conditions.pressure               1.0 
_pdbx_nmr_exptl_sample_conditions.pH                     7.0 
_pdbx_nmr_exptl_sample_conditions.ionic_strength         0.1 
_pdbx_nmr_exptl_sample_conditions.details                ? 
_pdbx_nmr_exptl_sample_conditions.ionic_strength_err     ? 
_pdbx_nmr_exptl_sample_conditions.ionic_strength_units   mM 
_pdbx_nmr_exptl_sample_conditions.label                  condition1 
_pdbx_nmr_exptl_sample_conditions.pH_err                 ? 
_pdbx_nmr_exptl_sample_conditions.pH_units               pH 
_pdbx_nmr_exptl_sample_conditions.pressure_err           ? 
_pdbx_nmr_exptl_sample_conditions.temperature_err        ? 
_pdbx_nmr_exptl_sample_conditions.temperature_units      K 
# 
_pdbx_nmr_exptl.experiment_id     1 
_pdbx_nmr_exptl.conditions_id     1 
_pdbx_nmr_exptl.solution_id       1 
_pdbx_nmr_exptl.type              '2D 1H-1H NOESY' 
_pdbx_nmr_exptl.spectrometer_id   1 
_pdbx_nmr_exptl.sample_state      anisotropic 
# 
_pdbx_nmr_refine.entry_id           7L96 
_pdbx_nmr_refine.method             'simulated annealing' 
_pdbx_nmr_refine.details            ? 
_pdbx_nmr_refine.software_ordinal   1 
# 
loop_
_pdbx_nmr_software.ordinal 
_pdbx_nmr_software.classification 
_pdbx_nmr_software.name 
_pdbx_nmr_software.version 
_pdbx_nmr_software.authors 
1 refinement                  'X-PLOR NIH' ? 'Schwieters, Kuszewski, Tjandra and Clore' 
2 'structure calculation'     'X-PLOR NIH' ? 'Schwieters, Kuszewski, Tjandra and Clore' 
3 'chemical shift assignment' TopSpin      ? 'Bruker Biospin'                           
4 'peak picking'              TopSpin      ? Bruker                                     
# 
loop_
_chem_comp_atom.comp_id 
_chem_comp_atom.atom_id 
_chem_comp_atom.type_symbol 
_chem_comp_atom.pdbx_aromatic_flag 
_chem_comp_atom.pdbx_stereo_config 
_chem_comp_atom.pdbx_ordinal 
DLE N    N N N 1  
DLE CA   C N R 2  
DLE CB   C N N 3  
DLE CG   C N N 4  
DLE CD1  C N N 5  
DLE CD2  C N N 6  
DLE C    C N N 7  
DLE O    O N N 8  
DLE OXT  O N N 9  
DLE H    H N N 10 
DLE H2   H N N 11 
DLE HA   H N N 12 
DLE HB2  H N N 13 
DLE HB3  H N N 14 
DLE HG   H N N 15 
DLE HD11 H N N 16 
DLE HD12 H N N 17 
DLE HD13 H N N 18 
DLE HD21 H N N 19 
DLE HD22 H N N 20 
DLE HD23 H N N 21 
DLE HXT  H N N 22 
DPR N    N N N 23 
DPR CA   C N R 24 
DPR CB   C N N 25 
DPR CG   C N N 26 
DPR CD   C N N 27 
DPR C    C N N 28 
DPR O    O N N 29 
DPR OXT  O N N 30 
DPR H    H N N 31 
DPR HA   H N N 32 
DPR HB2  H N N 33 
DPR HB3  H N N 34 
DPR HG2  H N N 35 
DPR HG3  H N N 36 
DPR HD2  H N N 37 
DPR HD3  H N N 38 
DPR HXT  H N N 39 
LEU N    N N N 40 
LEU CA   C N S 41 
LEU C    C N N 42 
LEU O    O N N 43 
LEU CB   C N N 44 
LEU CG   C N N 45 
LEU CD1  C N N 46 
LEU CD2  C N N 47 
LEU OXT  O N N 48 
LEU H    H N N 49 
LEU H2   H N N 50 
LEU HA   H N N 51 
LEU HB2  H N N 52 
LEU HB3  H N N 53 
LEU HG   H N N 54 
LEU HD11 H N N 55 
LEU HD12 H N N 56 
LEU HD13 H N N 57 
LEU HD21 H N N 58 
LEU HD22 H N N 59 
LEU HD23 H N N 60 
LEU HXT  H N N 61 
YNM N    N N N 62 
YNM CA   C N S 63 
YNM C    C N N 64 
YNM O    O N N 65 
YNM CB   C N N 66 
YNM CG   C Y N 67 
YNM CD1  C Y N 68 
YNM CD2  C Y N 69 
YNM CE1  C Y N 70 
YNM CE2  C Y N 71 
YNM OH   O N N 72 
YNM CZ   C Y N 73 
YNM CM   C N N 74 
YNM H    H N N 75 
YNM HA   H N N 76 
YNM HM1C H N N 77 
YNM HM2C H N N 78 
YNM HM3C H N N 79 
YNM HB2  H N N 80 
YNM HB3  H N N 81 
YNM HD1  H N N 82 
YNM HD2  H N N 83 
YNM HE1  H N N 84 
YNM HE2  H N N 85 
YNM HH   H N N 86 
YNM OXT  O N N 87 
YNM HXT  H N N 88 
# 
loop_
_chem_comp_bond.comp_id 
_chem_comp_bond.atom_id_1 
_chem_comp_bond.atom_id_2 
_chem_comp_bond.value_order 
_chem_comp_bond.pdbx_aromatic_flag 
_chem_comp_bond.pdbx_stereo_config 
_chem_comp_bond.pdbx_ordinal 
DLE N   CA   sing N N 1  
DLE N   H    sing N N 2  
DLE N   H2   sing N N 3  
DLE CA  CB   sing N N 4  
DLE CA  C    sing N N 5  
DLE CA  HA   sing N N 6  
DLE CB  CG   sing N N 7  
DLE CB  HB2  sing N N 8  
DLE CB  HB3  sing N N 9  
DLE CG  CD1  sing N N 10 
DLE CG  CD2  sing N N 11 
DLE CG  HG   sing N N 12 
DLE CD1 HD11 sing N N 13 
DLE CD1 HD12 sing N N 14 
DLE CD1 HD13 sing N N 15 
DLE CD2 HD21 sing N N 16 
DLE CD2 HD22 sing N N 17 
DLE CD2 HD23 sing N N 18 
DLE C   O    doub N N 19 
DLE C   OXT  sing N N 20 
DLE OXT HXT  sing N N 21 
DPR N   CA   sing N N 22 
DPR N   CD   sing N N 23 
DPR N   H    sing N N 24 
DPR CA  CB   sing N N 25 
DPR CA  C    sing N N 26 
DPR CA  HA   sing N N 27 
DPR CB  CG   sing N N 28 
DPR CB  HB2  sing N N 29 
DPR CB  HB3  sing N N 30 
DPR CG  CD   sing N N 31 
DPR CG  HG2  sing N N 32 
DPR CG  HG3  sing N N 33 
DPR CD  HD2  sing N N 34 
DPR CD  HD3  sing N N 35 
DPR C   O    doub N N 36 
DPR C   OXT  sing N N 37 
DPR OXT HXT  sing N N 38 
LEU N   CA   sing N N 39 
LEU N   H    sing N N 40 
LEU N   H2   sing N N 41 
LEU CA  C    sing N N 42 
LEU CA  CB   sing N N 43 
LEU CA  HA   sing N N 44 
LEU C   O    doub N N 45 
LEU C   OXT  sing N N 46 
LEU CB  CG   sing N N 47 
LEU CB  HB2  sing N N 48 
LEU CB  HB3  sing N N 49 
LEU CG  CD1  sing N N 50 
LEU CG  CD2  sing N N 51 
LEU CG  HG   sing N N 52 
LEU CD1 HD11 sing N N 53 
LEU CD1 HD12 sing N N 54 
LEU CD1 HD13 sing N N 55 
LEU CD2 HD21 sing N N 56 
LEU CD2 HD22 sing N N 57 
LEU CD2 HD23 sing N N 58 
LEU OXT HXT  sing N N 59 
YNM N   CA   sing N N 60 
YNM N   CM   sing N N 61 
YNM CA  C    sing N N 62 
YNM CA  CB   sing N N 63 
YNM C   O    doub N N 64 
YNM CB  CG   sing N N 65 
YNM CG  CD1  sing Y N 66 
YNM CG  CD2  doub Y N 67 
YNM CD1 CE1  doub Y N 68 
YNM CD2 CE2  sing Y N 69 
YNM CE1 CZ   sing Y N 70 
YNM CE2 CZ   doub Y N 71 
YNM OH  CZ   sing N N 72 
YNM C   OXT  sing N N 73 
YNM N   H    sing N N 74 
YNM CA  HA   sing N N 75 
YNM CM  HM1C sing N N 76 
YNM CM  HM2C sing N N 77 
YNM CM  HM3C sing N N 78 
YNM CB  HB2  sing N N 79 
YNM CB  HB3  sing N N 80 
YNM CD1 HD1  sing N N 81 
YNM CD2 HD2  sing N N 82 
YNM CE1 HE1  sing N N 83 
YNM CE2 HE2  sing N N 84 
YNM OH  HH   sing N N 85 
YNM OXT HXT  sing N N 86 
# 
_pdbx_nmr_spectrometer.spectrometer_id   1 
_pdbx_nmr_spectrometer.model             AVANCE 
_pdbx_nmr_spectrometer.type              ? 
_pdbx_nmr_spectrometer.manufacturer      Bruker 
_pdbx_nmr_spectrometer.field_strength    600 
_pdbx_nmr_spectrometer.details           ? 
# 
_atom_sites.entry_id                    7L96 
_atom_sites.Cartn_transf_matrix[1][1]   ? 
_atom_sites.Cartn_transf_matrix[1][2]   ? 
_atom_sites.Cartn_transf_matrix[1][3]   ? 
_atom_sites.Cartn_transf_matrix[2][1]   ? 
_atom_sites.Cartn_transf_matrix[2][2]   ? 
_atom_sites.Cartn_transf_matrix[2][3]   ? 
_atom_sites.Cartn_transf_matrix[3][1]   ? 
_atom_sites.Cartn_transf_matrix[3][2]   ? 
_atom_sites.Cartn_transf_matrix[3][3]   ? 
_atom_sites.Cartn_transf_vector[1]      ? 
_atom_sites.Cartn_transf_vector[2]      ? 
_atom_sites.Cartn_transf_vector[3]      ? 
_atom_sites.fract_transf_matrix[1][1]   1.000000 
_atom_sites.fract_transf_matrix[1][2]   0.000000 
_atom_sites.fract_transf_matrix[1][3]   0.000000 
_atom_sites.fract_transf_matrix[2][1]   0.000000 
_atom_sites.fract_transf_matrix[2][2]   1.000000 
_atom_sites.fract_transf_matrix[2][3]   0.000000 
_atom_sites.fract_transf_matrix[3][1]   0.000000 
_atom_sites.fract_transf_matrix[3][2]   0.000000 
_atom_sites.fract_transf_matrix[3][3]   1.000000 
_atom_sites.fract_transf_vector[1]      0.00000 
_atom_sites.fract_transf_vector[2]      0.00000 
_atom_sites.fract_transf_vector[3]      0.00000 
_atom_sites.solution_primary            ? 
_atom_sites.solution_secondary          ? 
_atom_sites.solution_hydrogens          ? 
_atom_sites.special_details             ? 
# 
loop_
_atom_type.symbol 
C 
H 
N 
O 
# 
loop_
_atom_site.group_PDB 
_atom_site.id 
_atom_site.type_symbol 
_atom_site.label_atom_id 
_atom_site.label_alt_id 
_atom_site.label_comp_id 
_atom_site.label_asym_id 
_atom_site.label_entity_id 
_atom_site.label_seq_id 
_atom_site.pdbx_PDB_ins_code 
_atom_site.Cartn_x 
_atom_site.Cartn_y 
_atom_site.Cartn_z 
_atom_site.occupancy 
_atom_site.B_iso_or_equiv 
_atom_site.pdbx_formal_charge 
_atom_site.auth_seq_id 
_atom_site.auth_comp_id 
_atom_site.auth_asym_id 
_atom_site.auth_atom_id 
_atom_site.pdbx_PDB_model_num 
ATOM   1   N N    . LEU A 1 1 ? 1.094  -0.630 -2.042 1.00 0.00 ? 1 LEU A N    1 
ATOM   2   C CA   . LEU A 1 1 ? 0.624  0.585  -2.696 1.00 0.00 ? 1 LEU A CA   1 
ATOM   3   C C    . LEU A 1 1 ? 0.216  1.634  -1.667 1.00 0.00 ? 1 LEU A C    1 
ATOM   4   O O    . LEU A 1 1 ? -0.948 1.715  -1.276 1.00 0.00 ? 1 LEU A O    1 
ATOM   5   C CB   . LEU A 1 1 ? -0.557 0.267  -3.615 1.00 0.00 ? 1 LEU A CB   1 
ATOM   6   C CG   . LEU A 1 1 ? -0.666 1.151  -4.859 1.00 0.00 ? 1 LEU A CG   1 
ATOM   7   C CD1  . LEU A 1 1 ? -1.207 0.354  -6.035 1.00 0.00 ? 1 LEU A CD1  1 
ATOM   8   C CD2  . LEU A 1 1 ? -1.551 2.358  -4.578 1.00 0.00 ? 1 LEU A CD2  1 
ATOM   9   H H1   . LEU A 1 1 ? 0.724  -0.876 -1.169 1.00 0.00 ? 1 LEU A H1   1 
ATOM   10  H HA   . LEU A 1 1 ? 1.436  0.976  -3.291 1.00 0.00 ? 1 LEU A HA   1 
ATOM   11  H HB2  . LEU A 1 1 ? -0.471 -0.761 -3.934 1.00 0.00 ? 1 LEU A HB2  1 
ATOM   12  H HB3  . LEU A 1 1 ? -1.469 0.374  -3.045 1.00 0.00 ? 1 LEU A HB3  1 
ATOM   13  H HG   . LEU A 1 1 ? 0.317  1.511  -5.124 1.00 0.00 ? 1 LEU A HG   1 
ATOM   14  H HD11 . LEU A 1 1 ? -0.761 0.714  -6.951 1.00 0.00 ? 1 LEU A HD11 1 
ATOM   15  H HD12 . LEU A 1 1 ? -2.280 0.471  -6.088 1.00 0.00 ? 1 LEU A HD12 1 
ATOM   16  H HD13 . LEU A 1 1 ? -0.966 -0.690 -5.904 1.00 0.00 ? 1 LEU A HD13 1 
ATOM   17  H HD21 . LEU A 1 1 ? -1.929 2.751  -5.510 1.00 0.00 ? 1 LEU A HD21 1 
ATOM   18  H HD22 . LEU A 1 1 ? -0.973 3.117  -4.074 1.00 0.00 ? 1 LEU A HD22 1 
ATOM   19  H HD23 . LEU A 1 1 ? -2.378 2.059  -3.951 1.00 0.00 ? 1 LEU A HD23 1 
HETATM 20  N N    . DLE A 1 2 ? 1.182  2.437  -1.233 1.00 0.00 ? 2 DLE A N    1 
HETATM 21  C CA   . DLE A 1 2 ? 0.925  3.483  -0.250 1.00 0.00 ? 2 DLE A CA   1 
HETATM 22  C CB   . DLE A 1 2 ? 2.181  4.329  -0.035 1.00 0.00 ? 2 DLE A CB   1 
HETATM 23  C CG   . DLE A 1 2 ? 2.000  5.534  0.891  1.00 0.00 ? 2 DLE A CG   1 
HETATM 24  C CD1  . DLE A 1 2 ? 2.033  5.097  2.348  1.00 0.00 ? 2 DLE A CD1  1 
HETATM 25  C CD2  . DLE A 1 2 ? 3.073  6.578  0.621  1.00 0.00 ? 2 DLE A CD2  1 
HETATM 26  C C    . DLE A 1 2 ? 0.465  2.886  1.077  1.00 0.00 ? 2 DLE A C    1 
HETATM 27  O O    . DLE A 1 2 ? 1.223  2.186  1.749  1.00 0.00 ? 2 DLE A O    1 
HETATM 28  H H    . DLE A 1 2 ? 2.091  2.322  -1.582 1.00 0.00 ? 2 DLE A H    1 
HETATM 29  H HA   . DLE A 1 2 ? 0.140  4.115  -0.638 1.00 0.00 ? 2 DLE A HA   1 
HETATM 30  H HB2  . DLE A 1 2 ? 2.516  4.690  -0.995 1.00 0.00 ? 2 DLE A HB2  1 
HETATM 31  H HB3  . DLE A 1 2 ? 2.950  3.694  0.381  1.00 0.00 ? 2 DLE A HB3  1 
HETATM 32  H HG   . DLE A 1 2 ? 1.037  5.984  0.700  1.00 0.00 ? 2 DLE A HG   1 
HETATM 33  H HD11 . DLE A 1 2 ? 2.610  4.189  2.438  1.00 0.00 ? 2 DLE A HD11 1 
HETATM 34  H HD12 . DLE A 1 2 ? 1.026  4.919  2.693  1.00 0.00 ? 2 DLE A HD12 1 
HETATM 35  H HD13 . DLE A 1 2 ? 2.487  5.874  2.946  1.00 0.00 ? 2 DLE A HD13 1 
HETATM 36  H HD21 . DLE A 1 2 ? 3.878  6.457  1.329  1.00 0.00 ? 2 DLE A HD21 1 
HETATM 37  H HD22 . DLE A 1 2 ? 2.647  7.566  0.724  1.00 0.00 ? 2 DLE A HD22 1 
HETATM 38  H HD23 . DLE A 1 2 ? 3.452  6.453  -0.382 1.00 0.00 ? 2 DLE A HD23 1 
ATOM   39  N N    . LEU A 1 3 ? -0.778 3.171  1.449  1.00 0.00 ? 3 LEU A N    1 
ATOM   40  C CA   . LEU A 1 3 ? -1.338 2.665  2.698  1.00 0.00 ? 3 LEU A CA   1 
ATOM   41  C C    . LEU A 1 3 ? -2.180 1.416  2.454  1.00 0.00 ? 3 LEU A C    1 
ATOM   42  O O    . LEU A 1 3 ? -3.137 1.149  3.182  1.00 0.00 ? 3 LEU A O    1 
ATOM   43  C CB   . LEU A 1 3 ? -2.185 3.746  3.375  1.00 0.00 ? 3 LEU A CB   1 
ATOM   44  C CG   . LEU A 1 3 ? -1.820 4.036  4.831  1.00 0.00 ? 3 LEU A CG   1 
ATOM   45  C CD1  . LEU A 1 3 ? -1.835 2.756  5.651  1.00 0.00 ? 3 LEU A CD1  1 
ATOM   46  C CD2  . LEU A 1 3 ? -0.457 4.708  4.914  1.00 0.00 ? 3 LEU A CD2  1 
ATOM   47  H H    . LEU A 1 3 ? -1.333 3.736  0.871  1.00 0.00 ? 3 LEU A H    1 
ATOM   48  H HA   . LEU A 1 3 ? -0.515 2.407  3.347  1.00 0.00 ? 3 LEU A HA   1 
ATOM   49  H HB2  . LEU A 1 3 ? -2.080 4.661  2.810  1.00 0.00 ? 3 LEU A HB2  1 
ATOM   50  H HB3  . LEU A 1 3 ? -3.220 3.440  3.340  1.00 0.00 ? 3 LEU A HB3  1 
ATOM   51  H HG   . LEU A 1 3 ? -2.552 4.711  5.251  1.00 0.00 ? 3 LEU A HG   1 
ATOM   52  H HD11 . LEU A 1 3 ? -0.943 2.184  5.443  1.00 0.00 ? 3 LEU A HD11 1 
ATOM   53  H HD12 . LEU A 1 3 ? -2.705 2.172  5.390  1.00 0.00 ? 3 LEU A HD12 1 
ATOM   54  H HD13 . LEU A 1 3 ? -1.869 3.002  6.702  1.00 0.00 ? 3 LEU A HD13 1 
ATOM   55  H HD21 . LEU A 1 3 ? 0.305  4.019  4.582  1.00 0.00 ? 3 LEU A HD21 1 
ATOM   56  H HD22 . LEU A 1 3 ? -0.260 4.996  5.936  1.00 0.00 ? 3 LEU A HD22 1 
ATOM   57  H HD23 . LEU A 1 3 ? -0.448 5.585  4.285  1.00 0.00 ? 3 LEU A HD23 1 
ATOM   58  N N    . LEU A 1 4 ? -1.819 0.654  1.427  1.00 0.00 ? 4 LEU A N    1 
ATOM   59  C CA   . LEU A 1 4 ? -2.542 -0.567 1.091  1.00 0.00 ? 4 LEU A CA   1 
ATOM   60  C C    . LEU A 1 4 ? -1.595 -1.619 0.519  1.00 0.00 ? 4 LEU A C    1 
ATOM   61  O O    . LEU A 1 4 ? -1.380 -1.678 -0.691 1.00 0.00 ? 4 LEU A O    1 
ATOM   62  C CB   . LEU A 1 4 ? -3.654 -0.265 0.085  1.00 0.00 ? 4 LEU A CB   1 
ATOM   63  C CG   . LEU A 1 4 ? -4.879 -1.177 0.179  1.00 0.00 ? 4 LEU A CG   1 
ATOM   64  C CD1  . LEU A 1 4 ? -5.907 -0.799 -0.875 1.00 0.00 ? 4 LEU A CD1  1 
ATOM   65  C CD2  . LEU A 1 4 ? -4.469 -2.634 0.028  1.00 0.00 ? 4 LEU A CD2  1 
ATOM   66  H H    . LEU A 1 4 ? -1.048 0.917  0.883  1.00 0.00 ? 4 LEU A H    1 
ATOM   67  H HA   . LEU A 1 4 ? -2.984 -0.951 1.998  1.00 0.00 ? 4 LEU A HA   1 
ATOM   68  H HB2  . LEU A 1 4 ? -3.978 0.755  0.233  1.00 0.00 ? 4 LEU A HB2  1 
ATOM   69  H HB3  . LEU A 1 4 ? -3.244 -0.353 -0.911 1.00 0.00 ? 4 LEU A HB3  1 
ATOM   70  H HG   . LEU A 1 4 ? -5.336 -1.056 1.150  1.00 0.00 ? 4 LEU A HG   1 
ATOM   71  H HD11 . LEU A 1 4 ? -6.348 0.154  -0.622 1.00 0.00 ? 4 LEU A HD11 1 
ATOM   72  H HD12 . LEU A 1 4 ? -6.679 -1.554 -0.911 1.00 0.00 ? 4 LEU A HD12 1 
ATOM   73  H HD13 . LEU A 1 4 ? -5.427 -0.729 -1.840 1.00 0.00 ? 4 LEU A HD13 1 
ATOM   74  H HD21 . LEU A 1 4 ? -5.336 -3.266 0.147  1.00 0.00 ? 4 LEU A HD21 1 
ATOM   75  H HD22 . LEU A 1 4 ? -3.737 -2.883 0.783  1.00 0.00 ? 4 LEU A HD22 1 
ATOM   76  H HD23 . LEU A 1 4 ? -4.041 -2.788 -0.951 1.00 0.00 ? 4 LEU A HD23 1 
HETATM 77  N N    . DPR A 1 5 ? -1.009 -2.463 1.387  1.00 0.00 ? 5 DPR A N    1 
HETATM 78  C CA   . DPR A 1 5 ? -0.077 -3.514 0.963  1.00 0.00 ? 5 DPR A CA   1 
HETATM 79  C CB   . DPR A 1 5 ? 0.341  -4.186 2.278  1.00 0.00 ? 5 DPR A CB   1 
HETATM 80  C CG   . DPR A 1 5 ? -0.003 -3.205 3.346  1.00 0.00 ? 5 DPR A CG   1 
HETATM 81  C CD   . DPR A 1 5 ? -1.203 -2.457 2.846  1.00 0.00 ? 5 DPR A CD   1 
HETATM 82  C C    . DPR A 1 5 ? 1.149  -2.940 0.248  1.00 0.00 ? 5 DPR A C    1 
HETATM 83  O O    . DPR A 1 5 ? 1.979  -2.282 0.875  1.00 0.00 ? 5 DPR A O    1 
HETATM 84  H HA   . DPR A 1 5 ? -0.563 -4.238 0.327  1.00 0.00 ? 5 DPR A HA   1 
HETATM 85  H HB2  . DPR A 1 5 ? 1.401  -4.391 2.259  1.00 0.00 ? 5 DPR A HB2  1 
HETATM 86  H HB3  . DPR A 1 5 ? -0.206 -5.110 2.401  1.00 0.00 ? 5 DPR A HB3  1 
HETATM 87  H HG2  . DPR A 1 5 ? 0.823  -2.528 3.504  1.00 0.00 ? 5 DPR A HG2  1 
HETATM 88  H HG3  . DPR A 1 5 ? -0.241 -3.727 4.262  1.00 0.00 ? 5 DPR A HG3  1 
HETATM 89  H HD2  . DPR A 1 5 ? -1.209 -1.449 3.230  1.00 0.00 ? 5 DPR A HD2  1 
HETATM 90  H HD3  . DPR A 1 5 ? -2.113 -2.974 3.118  1.00 0.00 ? 5 DPR A HD3  1 
HETATM 91  N N    . YNM A 1 6 ? 1.266  -3.178 -1.065 1.00 0.00 ? 6 YNM A N    1 
HETATM 92  C CA   . YNM A 1 6 ? 2.411  -2.651 -1.802 1.00 0.00 ? 6 YNM A CA   1 
HETATM 93  C C    . YNM A 1 6 ? 2.014  -1.412 -2.599 1.00 0.00 ? 6 YNM A C    1 
HETATM 94  O O    . YNM A 1 6 ? 2.526  -1.173 -3.691 1.00 0.00 ? 6 YNM A O    1 
HETATM 95  C CB   . YNM A 1 6 ? 2.984  -3.715 -2.742 1.00 0.00 ? 6 YNM A CB   1 
HETATM 96  C CG   . YNM A 1 6 ? 4.370  -3.391 -3.253 1.00 0.00 ? 6 YNM A CG   1 
HETATM 97  C CD1  . YNM A 1 6 ? 5.392  -3.046 -2.376 1.00 0.00 ? 6 YNM A CD1  1 
HETATM 98  C CD2  . YNM A 1 6 ? 4.657  -3.431 -4.612 1.00 0.00 ? 6 YNM A CD2  1 
HETATM 99  C CE1  . YNM A 1 6 ? 6.659  -2.749 -2.839 1.00 0.00 ? 6 YNM A CE1  1 
HETATM 100 C CE2  . YNM A 1 6 ? 5.923  -3.136 -5.082 1.00 0.00 ? 6 YNM A CE2  1 
HETATM 101 O OH   . YNM A 1 6 ? 8.181  -2.501 -4.657 1.00 0.00 ? 6 YNM A OH   1 
HETATM 102 C CZ   . YNM A 1 6 ? 6.920  -2.796 -4.193 1.00 0.00 ? 6 YNM A CZ   1 
HETATM 103 C CM   . YNM A 1 6 ? 0.224  -3.940 -1.819 1.00 0.00 ? 6 YNM A CM   1 
HETATM 104 H HA   . YNM A 1 6 ? 3.168  -2.373 -1.085 1.00 0.00 ? 6 YNM A HA   1 
HETATM 105 H HM1C . YNM A 1 6 ? -0.757 -3.593 -1.531 1.00 0.00 ? 6 YNM A HM1C 1 
HETATM 106 H HM2C . YNM A 1 6 ? 0.314  -4.992 -1.594 1.00 0.00 ? 6 YNM A HM2C 1 
HETATM 107 H HM3C . YNM A 1 6 ? 0.361  -3.786 -2.879 1.00 0.00 ? 6 YNM A HM3C 1 
HETATM 108 H HB2  . YNM A 1 6 ? 2.332  -3.822 -3.596 1.00 0.00 ? 6 YNM A HB2  1 
HETATM 109 H HB3  . YNM A 1 6 ? 3.037  -4.658 -2.218 1.00 0.00 ? 6 YNM A HB3  1 
HETATM 110 H HD1  . YNM A 1 6 ? 5.184  -3.011 -1.317 1.00 0.00 ? 6 YNM A HD1  1 
HETATM 111 H HD2  . YNM A 1 6 ? 3.874  -3.696 -5.306 1.00 0.00 ? 6 YNM A HD2  1 
HETATM 112 H HE1  . YNM A 1 6 ? 7.439  -2.484 -2.142 1.00 0.00 ? 6 YNM A HE1  1 
HETATM 113 H HE2  . YNM A 1 6 ? 6.127  -3.173 -6.142 1.00 0.00 ? 6 YNM A HE2  1 
HETATM 114 H HH   . YNM A 1 6 ? 8.542  -1.766 -4.157 1.00 0.00 ? 6 YNM A HH   1 
ATOM   115 N N    . LEU A 1 1 ? 1.132  -0.599 -2.039 1.00 0.00 ? 1 LEU A N    2 
ATOM   116 C CA   . LEU A 1 1 ? 0.690  0.605  -2.731 1.00 0.00 ? 1 LEU A CA   2 
ATOM   117 C C    . LEU A 1 1 ? 0.221  1.662  -1.738 1.00 0.00 ? 1 LEU A C    2 
ATOM   118 O O    . LEU A 1 1 ? -0.960 1.726  -1.393 1.00 0.00 ? 1 LEU A O    2 
ATOM   119 C CB   . LEU A 1 1 ? -0.438 0.272  -3.710 1.00 0.00 ? 1 LEU A CB   2 
ATOM   120 C CG   . LEU A 1 1 ? -0.553 1.214  -4.910 1.00 0.00 ? 1 LEU A CG   2 
ATOM   121 C CD1  . LEU A 1 1 ? 0.303  0.717  -6.063 1.00 0.00 ? 1 LEU A CD1  2 
ATOM   122 C CD2  . LEU A 1 1 ? -2.005 1.351  -5.342 1.00 0.00 ? 1 LEU A CD2  2 
ATOM   123 H H1   . LEU A 1 1 ? 0.723  -0.831 -1.180 1.00 0.00 ? 1 LEU A H1   2 
ATOM   124 H HA   . LEU A 1 1 ? 1.531  0.996  -3.284 1.00 0.00 ? 1 LEU A HA   2 
ATOM   125 H HB2  . LEU A 1 1 ? -0.281 -0.732 -4.079 1.00 0.00 ? 1 LEU A HB2  2 
ATOM   126 H HB3  . LEU A 1 1 ? -1.373 0.296  -3.171 1.00 0.00 ? 1 LEU A HB3  2 
ATOM   127 H HG   . LEU A 1 1 ? -0.194 2.193  -4.626 1.00 0.00 ? 1 LEU A HG   2 
ATOM   128 H HD11 . LEU A 1 1 ? -0.312 0.159  -6.754 1.00 0.00 ? 1 LEU A HD11 2 
ATOM   129 H HD12 . LEU A 1 1 ? 1.086  0.078  -5.682 1.00 0.00 ? 1 LEU A HD12 2 
ATOM   130 H HD13 . LEU A 1 1 ? 0.744  1.560  -6.574 1.00 0.00 ? 1 LEU A HD13 2 
ATOM   131 H HD21 . LEU A 1 1 ? -2.470 0.377  -5.354 1.00 0.00 ? 1 LEU A HD21 2 
ATOM   132 H HD22 . LEU A 1 1 ? -2.047 1.782  -6.331 1.00 0.00 ? 1 LEU A HD22 2 
ATOM   133 H HD23 . LEU A 1 1 ? -2.529 1.992  -4.648 1.00 0.00 ? 1 LEU A HD23 2 
HETATM 134 N N    . DLE A 1 2 ? 1.153  2.488  -1.277 1.00 0.00 ? 2 DLE A N    2 
HETATM 135 C CA   . DLE A 1 2 ? 0.837  3.544  -0.323 1.00 0.00 ? 2 DLE A CA   2 
HETATM 136 C CB   . DLE A 1 2 ? 2.020  4.507  -0.184 1.00 0.00 ? 2 DLE A CB   2 
HETATM 137 C CG   . DLE A 1 2 ? 1.679  5.984  -0.390 1.00 0.00 ? 2 DLE A CG   2 
HETATM 138 C CD1  . DLE A 1 2 ? 2.700  6.868  0.308  1.00 0.00 ? 2 DLE A CD1  2 
HETATM 139 C CD2  . DLE A 1 2 ? 1.610  6.313  -1.874 1.00 0.00 ? 2 DLE A CD2  2 
HETATM 140 C C    . DLE A 1 2 ? 0.478  2.955  1.039  1.00 0.00 ? 2 DLE A C    2 
HETATM 141 O O    . DLE A 1 2 ? 1.318  2.355  1.708  1.00 0.00 ? 2 DLE A O    2 
HETATM 142 H H    . DLE A 1 2 ? 2.077  2.385  -1.589 1.00 0.00 ? 2 DLE A H    2 
HETATM 143 H HA   . DLE A 1 2 ? -0.014 4.088  -0.702 1.00 0.00 ? 2 DLE A HA   2 
HETATM 144 H HB2  . DLE A 1 2 ? 2.768  4.230  -0.912 1.00 0.00 ? 2 DLE A HB2  2 
HETATM 145 H HB3  . DLE A 1 2 ? 2.442  4.389  0.803  1.00 0.00 ? 2 DLE A HB3  2 
HETATM 146 H HG   . DLE A 1 2 ? 0.710  6.186  0.044  1.00 0.00 ? 2 DLE A HG   2 
HETATM 147 H HD11 . DLE A 1 2 ? 2.698  7.848  -0.147 1.00 0.00 ? 2 DLE A HD11 2 
HETATM 148 H HD12 . DLE A 1 2 ? 3.682  6.429  0.212  1.00 0.00 ? 2 DLE A HD12 2 
HETATM 149 H HD13 . DLE A 1 2 ? 2.445  6.957  1.354  1.00 0.00 ? 2 DLE A HD13 2 
HETATM 150 H HD21 . DLE A 1 2 ? 0.820  7.029  -2.047 1.00 0.00 ? 2 DLE A HD21 2 
HETATM 151 H HD22 . DLE A 1 2 ? 1.408  5.411  -2.433 1.00 0.00 ? 2 DLE A HD22 2 
HETATM 152 H HD23 . DLE A 1 2 ? 2.553  6.732  -2.193 1.00 0.00 ? 2 DLE A HD23 2 
ATOM   153 N N    . LEU A 1 3 ? -0.778 3.132  1.440  1.00 0.00 ? 3 LEU A N    2 
ATOM   154 C CA   . LEU A 1 3 ? -1.248 2.617  2.722  1.00 0.00 ? 3 LEU A CA   2 
ATOM   155 C C    . LEU A 1 3 ? -2.071 1.346  2.532  1.00 0.00 ? 3 LEU A C    2 
ATOM   156 O O    . LEU A 1 3 ? -2.895 0.999  3.379  1.00 0.00 ? 3 LEU A O    2 
ATOM   157 C CB   . LEU A 1 3 ? -2.083 3.676  3.447  1.00 0.00 ? 3 LEU A CB   2 
ATOM   158 C CG   . LEU A 1 3 ? -1.461 5.074  3.503  1.00 0.00 ? 3 LEU A CG   2 
ATOM   159 C CD1  . LEU A 1 3 ? -0.012 5.001  3.958  1.00 0.00 ? 3 LEU A CD1  2 
ATOM   160 C CD2  . LEU A 1 3 ? -1.564 5.757  2.147  1.00 0.00 ? 3 LEU A CD2  2 
ATOM   161 H H    . LEU A 1 3 ? -1.401 3.618  0.863  1.00 0.00 ? 3 LEU A H    2 
ATOM   162 H HA   . LEU A 1 3 ? -0.382 2.383  3.322  1.00 0.00 ? 3 LEU A HA   2 
ATOM   163 H HB2  . LEU A 1 3 ? -3.039 3.749  2.950  1.00 0.00 ? 3 LEU A HB2  2 
ATOM   164 H HB3  . LEU A 1 3 ? -2.248 3.340  4.459  1.00 0.00 ? 3 LEU A HB3  2 
ATOM   165 H HG   . LEU A 1 3 ? -2.005 5.672  4.220  1.00 0.00 ? 3 LEU A HG   2 
ATOM   166 H HD11 . LEU A 1 3 ? 0.638  5.027  3.096  1.00 0.00 ? 3 LEU A HD11 2 
ATOM   167 H HD12 . LEU A 1 3 ? 0.150  4.083  4.502  1.00 0.00 ? 3 LEU A HD12 2 
ATOM   168 H HD13 . LEU A 1 3 ? 0.207  5.842  4.599  1.00 0.00 ? 3 LEU A HD13 2 
ATOM   169 H HD21 . LEU A 1 3 ? -1.755 6.811  2.289  1.00 0.00 ? 3 LEU A HD21 2 
ATOM   170 H HD22 . LEU A 1 3 ? -2.372 5.317  1.582  1.00 0.00 ? 3 LEU A HD22 2 
ATOM   171 H HD23 . LEU A 1 3 ? -0.636 5.629  1.609  1.00 0.00 ? 3 LEU A HD23 2 
ATOM   172 N N    . LEU A 1 4 ? -1.844 0.654  1.420  1.00 0.00 ? 4 LEU A N    2 
ATOM   173 C CA   . LEU A 1 4 ? -2.565 -0.578 1.126  1.00 0.00 ? 4 LEU A CA   2 
ATOM   174 C C    . LEU A 1 4 ? -1.627 -1.626 0.528  1.00 0.00 ? 4 LEU A C    2 
ATOM   175 O O    . LEU A 1 4 ? -1.381 -1.630 -0.678 1.00 0.00 ? 4 LEU A O    2 
ATOM   176 C CB   . LEU A 1 4 ? -3.723 -0.298 0.164  1.00 0.00 ? 4 LEU A CB   2 
ATOM   177 C CG   . LEU A 1 4 ? -5.081 -0.838 0.613  1.00 0.00 ? 4 LEU A CG   2 
ATOM   178 C CD1  . LEU A 1 4 ? -5.067 -2.358 0.645  1.00 0.00 ? 4 LEU A CD1  2 
ATOM   179 C CD2  . LEU A 1 4 ? -5.451 -0.278 1.979  1.00 0.00 ? 4 LEU A CD2  2 
ATOM   180 H H    . LEU A 1 4 ? -1.174 0.979  0.782  1.00 0.00 ? 4 LEU A H    2 
ATOM   181 H HA   . LEU A 1 4 ? -2.965 -0.957 2.054  1.00 0.00 ? 4 LEU A HA   2 
ATOM   182 H HB2  . LEU A 1 4 ? -3.808 0.772  0.039  1.00 0.00 ? 4 LEU A HB2  2 
ATOM   183 H HB3  . LEU A 1 4 ? -3.486 -0.738 -0.793 1.00 0.00 ? 4 LEU A HB3  2 
ATOM   184 H HG   . LEU A 1 4 ? -5.838 -0.526 -0.092 1.00 0.00 ? 4 LEU A HG   2 
ATOM   185 H HD11 . LEU A 1 4 ? -4.303 -2.725 -0.024 1.00 0.00 ? 4 LEU A HD11 2 
ATOM   186 H HD12 . LEU A 1 4 ? -6.030 -2.734 0.331  1.00 0.00 ? 4 LEU A HD12 2 
ATOM   187 H HD13 . LEU A 1 4 ? -4.860 -2.697 1.649  1.00 0.00 ? 4 LEU A HD13 2 
ATOM   188 H HD21 . LEU A 1 4 ? -6.519 -0.357 2.124  1.00 0.00 ? 4 LEU A HD21 2 
ATOM   189 H HD22 . LEU A 1 4 ? -5.155 0.759  2.036  1.00 0.00 ? 4 LEU A HD22 2 
ATOM   190 H HD23 . LEU A 1 4 ? -4.942 -0.840 2.748  1.00 0.00 ? 4 LEU A HD23 2 
HETATM 191 N N    . DPR A 1 5 ? -1.083 -2.526 1.366  1.00 0.00 ? 5 DPR A N    2 
HETATM 192 C CA   . DPR A 1 5 ? -0.164 -3.576 0.911  1.00 0.00 ? 5 DPR A CA   2 
HETATM 193 C CB   . DPR A 1 5 ? 0.187  -4.337 2.197  1.00 0.00 ? 5 DPR A CB   2 
HETATM 194 C CG   . DPR A 1 5 ? -0.154 -3.407 3.309  1.00 0.00 ? 5 DPR A CG   2 
HETATM 195 C CD   . DPR A 1 5 ? -1.314 -2.589 2.819  1.00 0.00 ? 5 DPR A CD   2 
HETATM 196 C C    . DPR A 1 5 ? 1.100  -2.994 0.276  1.00 0.00 ? 5 DPR A C    2 
HETATM 197 O O    . DPR A 1 5 ? 1.926  -2.401 0.972  1.00 0.00 ? 5 DPR A O    2 
HETATM 198 H HA   . DPR A 1 5 ? -0.645 -4.246 0.215  1.00 0.00 ? 5 DPR A HA   2 
HETATM 199 H HB2  . DPR A 1 5 ? 1.240  -4.580 2.196  1.00 0.00 ? 5 DPR A HB2  2 
HETATM 200 H HB3  . DPR A 1 5 ? -0.396 -5.245 2.248  1.00 0.00 ? 5 DPR A HB3  2 
HETATM 201 H HG2  . DPR A 1 5 ? 0.689  -2.768 3.526  1.00 0.00 ? 5 DPR A HG2  2 
HETATM 202 H HG3  . DPR A 1 5 ? -0.436 -3.971 4.186  1.00 0.00 ? 5 DPR A HG3  2 
HETATM 203 H HD2  . DPR A 1 5 ? -1.292 -1.602 3.256  1.00 0.00 ? 5 DPR A HD2  2 
HETATM 204 H HD3  . DPR A 1 5 ? -2.247 -3.085 3.042  1.00 0.00 ? 5 DPR A HD3  2 
HETATM 205 N N    . YNM A 1 6 ? 1.258  -3.151 -1.044 1.00 0.00 ? 6 YNM A N    2 
HETATM 206 C CA   . YNM A 1 6 ? 2.441  -2.612 -1.708 1.00 0.00 ? 6 YNM A CA   2 
HETATM 207 C C    . YNM A 1 6 ? 2.078  -1.387 -2.542 1.00 0.00 ? 6 YNM A C    2 
HETATM 208 O O    . YNM A 1 6 ? 2.641  -1.161 -3.612 1.00 0.00 ? 6 YNM A O    2 
HETATM 209 C CB   . YNM A 1 6 ? 3.093  -3.675 -2.595 1.00 0.00 ? 6 YNM A CB   2 
HETATM 210 C CG   . YNM A 1 6 ? 3.812  -4.755 -1.819 1.00 0.00 ? 6 YNM A CG   2 
HETATM 211 C CD1  . YNM A 1 6 ? 5.176  -4.669 -1.572 1.00 0.00 ? 6 YNM A CD1  2 
HETATM 212 C CD2  . YNM A 1 6 ? 3.127  -5.861 -1.330 1.00 0.00 ? 6 YNM A CD2  2 
HETATM 213 C CE1  . YNM A 1 6 ? 5.838  -5.653 -0.861 1.00 0.00 ? 6 YNM A CE1  2 
HETATM 214 C CE2  . YNM A 1 6 ? 3.780  -6.848 -0.619 1.00 0.00 ? 6 YNM A CE2  2 
HETATM 215 O OH   . YNM A 1 6 ? 5.790  -7.722 0.320  1.00 0.00 ? 6 YNM A OH   2 
HETATM 216 C CZ   . YNM A 1 6 ? 5.135  -6.740 -0.388 1.00 0.00 ? 6 YNM A CZ   2 
HETATM 217 C CM   . YNM A 1 6 ? 0.238  -3.857 -1.880 1.00 0.00 ? 6 YNM A CM   2 
HETATM 218 H HA   . YNM A 1 6 ? 3.144  -2.315 -0.943 1.00 0.00 ? 6 YNM A HA   2 
HETATM 219 H HM1C . YNM A 1 6 ? 0.423  -3.652 -2.923 1.00 0.00 ? 6 YNM A HM1C 2 
HETATM 220 H HM2C . YNM A 1 6 ? -0.749 -3.510 -1.613 1.00 0.00 ? 6 YNM A HM2C 2 
HETATM 221 H HM3C . YNM A 1 6 ? 0.305  -4.921 -1.707 1.00 0.00 ? 6 YNM A HM3C 2 
HETATM 222 H HB2  . YNM A 1 6 ? 3.812  -3.199 -3.247 1.00 0.00 ? 6 YNM A HB2  2 
HETATM 223 H HB3  . YNM A 1 6 ? 2.332  -4.151 -3.196 1.00 0.00 ? 6 YNM A HB3  2 
HETATM 224 H HD1  . YNM A 1 6 ? 5.724  -3.815 -1.945 1.00 0.00 ? 6 YNM A HD1  2 
HETATM 225 H HD2  . YNM A 1 6 ? 2.066  -5.943 -1.514 1.00 0.00 ? 6 YNM A HD2  2 
HETATM 226 H HE1  . YNM A 1 6 ? 6.899  -5.567 -0.680 1.00 0.00 ? 6 YNM A HE1  2 
HETATM 227 H HE2  . YNM A 1 6 ? 3.230  -7.700 -0.248 1.00 0.00 ? 6 YNM A HE2  2 
HETATM 228 H HH   . YNM A 1 6 ? 6.651  -7.881 -0.073 1.00 0.00 ? 6 YNM A HH   2 
ATOM   229 N N    . LEU A 1 1 ? 1.036  -0.633 -2.044 1.00 0.00 ? 1 LEU A N    3 
ATOM   230 C CA   . LEU A 1 1 ? 0.553  0.583  -2.689 1.00 0.00 ? 1 LEU A CA   3 
ATOM   231 C C    . LEU A 1 1 ? 0.195  1.644  -1.652 1.00 0.00 ? 1 LEU A C    3 
ATOM   232 O O    . LEU A 1 1 ? -0.964 1.776  -1.259 1.00 0.00 ? 1 LEU A O    3 
ATOM   233 C CB   . LEU A 1 1 ? -0.664 0.272  -3.565 1.00 0.00 ? 1 LEU A CB   3 
ATOM   234 C CG   . LEU A 1 1 ? -0.411 0.338  -5.072 1.00 0.00 ? 1 LEU A CG   3 
ATOM   235 C CD1  . LEU A 1 1 ? 0.570  -0.743 -5.496 1.00 0.00 ? 1 LEU A CD1  3 
ATOM   236 C CD2  . LEU A 1 1 ? -1.719 0.204  -5.837 1.00 0.00 ? 1 LEU A CD2  3 
ATOM   237 H H1   . LEU A 1 1 ? 0.636  -0.913 -1.193 1.00 0.00 ? 1 LEU A H1   3 
ATOM   238 H HA   . LEU A 1 1 ? 1.347  0.962  -3.315 1.00 0.00 ? 1 LEU A HA   3 
ATOM   239 H HB2  . LEU A 1 1 ? -1.010 -0.723 -3.322 1.00 0.00 ? 1 LEU A HB2  3 
ATOM   240 H HB3  . LEU A 1 1 ? -1.447 0.975  -3.323 1.00 0.00 ? 1 LEU A HB3  3 
ATOM   241 H HG   . LEU A 1 1 ? 0.024  1.297  -5.315 1.00 0.00 ? 1 LEU A HG   3 
ATOM   242 H HD11 . LEU A 1 1 ? 1.570  -0.335 -5.516 1.00 0.00 ? 1 LEU A HD11 3 
ATOM   243 H HD12 . LEU A 1 1 ? 0.309  -1.100 -6.482 1.00 0.00 ? 1 LEU A HD12 3 
ATOM   244 H HD13 . LEU A 1 1 ? 0.530  -1.562 -4.793 1.00 0.00 ? 1 LEU A HD13 3 
ATOM   245 H HD21 . LEU A 1 1 ? -1.689 0.836  -6.713 1.00 0.00 ? 1 LEU A HD21 3 
ATOM   246 H HD22 . LEU A 1 1 ? -2.540 0.505  -5.204 1.00 0.00 ? 1 LEU A HD22 3 
ATOM   247 H HD23 . LEU A 1 1 ? -1.855 -0.823 -6.140 1.00 0.00 ? 1 LEU A HD23 3 
HETATM 248 N N    . DLE A 1 2 ? 1.197  2.398  -1.216 1.00 0.00 ? 2 DLE A N    3 
HETATM 249 C CA   . DLE A 1 2 ? 0.989  3.451  -0.228 1.00 0.00 ? 2 DLE A CA   3 
HETATM 250 C CB   . DLE A 1 2 ? 2.285  4.229  -0.002 1.00 0.00 ? 2 DLE A CB   3 
HETATM 251 C CG   . DLE A 1 2 ? 2.120  5.565  0.725  1.00 0.00 ? 2 DLE A CG   3 
HETATM 252 C CD1  . DLE A 1 2 ? 3.476  6.209  0.970  1.00 0.00 ? 2 DLE A CD1  3 
HETATM 253 C CD2  . DLE A 1 2 ? 1.221  6.496  -0.074 1.00 0.00 ? 2 DLE A CD2  3 
HETATM 254 C C    . DLE A 1 2 ? 0.494  2.873  1.095  1.00 0.00 ? 2 DLE A C    3 
HETATM 255 O O    . DLE A 1 2 ? 1.234  2.185  1.800  1.00 0.00 ? 2 DLE A O    3 
HETATM 256 H H    . DLE A 1 2 ? 2.098  2.246  -1.568 1.00 0.00 ? 2 DLE A H    3 
HETATM 257 H HA   . DLE A 1 2 ? 0.240  4.125  -0.614 1.00 0.00 ? 2 DLE A HA   3 
HETATM 258 H HB2  . DLE A 1 2 ? 2.737  4.422  -0.964 1.00 0.00 ? 2 DLE A HB2  3 
HETATM 259 H HB3  . DLE A 1 2 ? 2.957  3.609  0.575  1.00 0.00 ? 2 DLE A HB3  3 
HETATM 260 H HG   . DLE A 1 2 ? 1.656  5.390  1.683  1.00 0.00 ? 2 DLE A HG   3 
HETATM 261 H HD11 . DLE A 1 2 ? 3.429  6.818  1.861  1.00 0.00 ? 2 DLE A HD11 3 
HETATM 262 H HD12 . DLE A 1 2 ? 3.737  6.829  0.125  1.00 0.00 ? 2 DLE A HD12 3 
HETATM 263 H HD13 . DLE A 1 2 ? 4.222  5.440  1.097  1.00 0.00 ? 2 DLE A HD13 3 
HETATM 264 H HD21 . DLE A 1 2 ? 1.420  6.373  -1.129 1.00 0.00 ? 2 DLE A HD21 3 
HETATM 265 H HD22 . DLE A 1 2 ? 1.416  7.519  0.212  1.00 0.00 ? 2 DLE A HD22 3 
HETATM 266 H HD23 . DLE A 1 2 ? 0.187  6.257  0.126  1.00 0.00 ? 2 DLE A HD23 3 
ATOM   267 N N    . LEU A 1 3 ? -0.761 3.160  1.428  1.00 0.00 ? 3 LEU A N    3 
ATOM   268 C CA   . LEU A 1 3 ? -1.355 2.674  2.670  1.00 0.00 ? 3 LEU A CA   3 
ATOM   269 C C    . LEU A 1 3 ? -2.191 1.422  2.425  1.00 0.00 ? 3 LEU A C    3 
ATOM   270 O O    . LEU A 1 3 ? -3.156 1.158  3.142  1.00 0.00 ? 3 LEU A O    3 
ATOM   271 C CB   . LEU A 1 3 ? -2.224 3.760  3.307  1.00 0.00 ? 3 LEU A CB   3 
ATOM   272 C CG   . LEU A 1 3 ? -1.742 5.196  3.084  1.00 0.00 ? 3 LEU A CG   3 
ATOM   273 C CD1  . LEU A 1 3 ? -2.432 5.809  1.875  1.00 0.00 ? 3 LEU A CD1  3 
ATOM   274 C CD2  . LEU A 1 3 ? -1.988 6.041  4.326  1.00 0.00 ? 3 LEU A CD2  3 
ATOM   275 H H    . LEU A 1 3 ? -1.300 3.716  0.827  1.00 0.00 ? 3 LEU A H    3 
ATOM   276 H HA   . LEU A 1 3 ? -0.551 2.427  3.346  1.00 0.00 ? 3 LEU A HA   3 
ATOM   277 H HB2  . LEU A 1 3 ? -3.223 3.672  2.906  1.00 0.00 ? 3 LEU A HB2  3 
ATOM   278 H HB3  . LEU A 1 3 ? -2.265 3.580  4.370  1.00 0.00 ? 3 LEU A HB3  3 
ATOM   279 H HG   . LEU A 1 3 ? -0.679 5.186  2.890  1.00 0.00 ? 3 LEU A HG   3 
ATOM   280 H HD11 . LEU A 1 3 ? -3.379 5.313  1.711  1.00 0.00 ? 3 LEU A HD11 3 
ATOM   281 H HD12 . LEU A 1 3 ? -1.807 5.688  1.004  1.00 0.00 ? 3 LEU A HD12 3 
ATOM   282 H HD13 . LEU A 1 3 ? -2.604 6.860  2.052  1.00 0.00 ? 3 LEU A HD13 3 
ATOM   283 H HD21 . LEU A 1 3 ? -3.051 6.125  4.499  1.00 0.00 ? 3 LEU A HD21 3 
ATOM   284 H HD22 . LEU A 1 3 ? -1.568 7.025  4.180  1.00 0.00 ? 3 LEU A HD22 3 
ATOM   285 H HD23 . LEU A 1 3 ? -1.519 5.572  5.179  1.00 0.00 ? 3 LEU A HD23 3 
ATOM   286 N N    . LEU A 1 4 ? -1.816 0.652  1.409  1.00 0.00 ? 4 LEU A N    3 
ATOM   287 C CA   . LEU A 1 4 ? -2.532 -0.574 1.073  1.00 0.00 ? 4 LEU A CA   3 
ATOM   288 C C    . LEU A 1 4 ? -1.576 -1.624 0.511  1.00 0.00 ? 4 LEU A C    3 
ATOM   289 O O    . LEU A 1 4 ? -1.345 -1.680 -0.696 1.00 0.00 ? 4 LEU A O    3 
ATOM   290 C CB   . LEU A 1 4 ? -3.640 -0.278 0.058  1.00 0.00 ? 4 LEU A CB   3 
ATOM   291 C CG   . LEU A 1 4 ? -4.971 -0.979 0.332  1.00 0.00 ? 4 LEU A CG   3 
ATOM   292 C CD1  . LEU A 1 4 ? -4.767 -2.479 0.476  1.00 0.00 ? 4 LEU A CD1  3 
ATOM   293 C CD2  . LEU A 1 4 ? -5.625 -0.406 1.580  1.00 0.00 ? 4 LEU A CD2  3 
ATOM   294 H H    . LEU A 1 4 ? -1.038 0.912  0.873  1.00 0.00 ? 4 LEU A H    3 
ATOM   295 H HA   . LEU A 1 4 ? -2.978 -0.956 1.978  1.00 0.00 ? 4 LEU A HA   3 
ATOM   296 H HB2  . LEU A 1 4 ? -3.814 0.788  0.048  1.00 0.00 ? 4 LEU A HB2  3 
ATOM   297 H HB3  . LEU A 1 4 ? -3.295 -0.579 -0.920 1.00 0.00 ? 4 LEU A HB3  3 
ATOM   298 H HG   . LEU A 1 4 ? -5.637 -0.811 -0.502 1.00 0.00 ? 4 LEU A HG   3 
ATOM   299 H HD11 . LEU A 1 4 ? -3.887 -2.776 -0.076 1.00 0.00 ? 4 LEU A HD11 3 
ATOM   300 H HD12 . LEU A 1 4 ? -5.629 -2.999 0.084  1.00 0.00 ? 4 LEU A HD12 3 
ATOM   301 H HD13 . LEU A 1 4 ? -4.639 -2.727 1.518  1.00 0.00 ? 4 LEU A HD13 3 
ATOM   302 H HD21 . LEU A 1 4 ? -4.860 -0.085 2.272  1.00 0.00 ? 4 LEU A HD21 3 
ATOM   303 H HD22 . LEU A 1 4 ? -6.236 -1.165 2.047  1.00 0.00 ? 4 LEU A HD22 3 
ATOM   304 H HD23 . LEU A 1 4 ? -6.243 0.436  1.309  1.00 0.00 ? 4 LEU A HD23 3 
HETATM 305 N N    . DPR A 1 5 ? -1.001 -2.469 1.386  1.00 0.00 ? 5 DPR A N    3 
HETATM 306 C CA   . DPR A 1 5 ? -0.061 -3.517 0.972  1.00 0.00 ? 5 DPR A CA   3 
HETATM 307 C CB   . DPR A 1 5 ? 0.358  -4.178 2.293  1.00 0.00 ? 5 DPR A CB   3 
HETATM 308 C CG   . DPR A 1 5 ? -0.009 -3.199 3.356  1.00 0.00 ? 5 DPR A CG   3 
HETATM 309 C CD   . DPR A 1 5 ? -1.213 -2.467 2.842  1.00 0.00 ? 5 DPR A CD   3 
HETATM 310 C C    . DPR A 1 5 ? 1.161  -2.937 0.257  1.00 0.00 ? 5 DPR A C    3 
HETATM 311 O O    . DPR A 1 5 ? 1.998  -2.291 0.888  1.00 0.00 ? 5 DPR A O    3 
HETATM 312 H HA   . DPR A 1 5 ? -0.540 -4.249 0.339  1.00 0.00 ? 5 DPR A HA   3 
HETATM 313 H HB2  . DPR A 1 5 ? 1.421  -4.366 2.283  1.00 0.00 ? 5 DPR A HB2  3 
HETATM 314 H HB3  . DPR A 1 5 ? -0.176 -5.110 2.415  1.00 0.00 ? 5 DPR A HB3  3 
HETATM 315 H HG2  . DPR A 1 5 ? 0.807  -2.511 3.519  1.00 0.00 ? 5 DPR A HG2  3 
HETATM 316 H HG3  . DPR A 1 5 ? -0.250 -3.722 4.270  1.00 0.00 ? 5 DPR A HG3  3 
HETATM 317 H HD2  . DPR A 1 5 ? -1.236 -1.458 3.227  1.00 0.00 ? 5 DPR A HD2  3 
HETATM 318 H HD3  . DPR A 1 5 ? -2.118 -2.995 3.103  1.00 0.00 ? 5 DPR A HD3  3 
HETATM 319 N N    . YNM A 1 6 ? 1.268  -3.156 -1.060 1.00 0.00 ? 6 YNM A N    3 
HETATM 320 C CA   . YNM A 1 6 ? 2.408  -2.617 -1.798 1.00 0.00 ? 6 YNM A CA   3 
HETATM 321 C C    . YNM A 1 6 ? 2.003  -1.372 -2.580 1.00 0.00 ? 6 YNM A C    3 
HETATM 322 O O    . YNM A 1 6 ? 2.554  -1.087 -3.644 1.00 0.00 ? 6 YNM A O    3 
HETATM 323 C CB   . YNM A 1 6 ? 2.983  -3.668 -2.752 1.00 0.00 ? 6 YNM A CB   3 
HETATM 324 C CG   . YNM A 1 6 ? 3.236  -5.008 -2.099 1.00 0.00 ? 6 YNM A CG   3 
HETATM 325 C CD1  . YNM A 1 6 ? 2.479  -6.122 -2.441 1.00 0.00 ? 6 YNM A CD1  3 
HETATM 326 C CD2  . YNM A 1 6 ? 4.229  -5.159 -1.141 1.00 0.00 ? 6 YNM A CD2  3 
HETATM 327 C CE1  . YNM A 1 6 ? 2.706  -7.348 -1.846 1.00 0.00 ? 6 YNM A CE1  3 
HETATM 328 C CE2  . YNM A 1 6 ? 4.463  -6.382 -0.541 1.00 0.00 ? 6 YNM A CE2  3 
HETATM 329 O OH   . YNM A 1 6 ? 3.928  -8.692 -0.302 1.00 0.00 ? 6 YNM A OH   3 
HETATM 330 C CZ   . YNM A 1 6 ? 3.699  -7.472 -0.897 1.00 0.00 ? 6 YNM A CZ   3 
HETATM 331 C CM   . YNM A 1 6 ? 0.240  -3.940 -1.812 1.00 0.00 ? 6 YNM A CM   3 
HETATM 332 H HA   . YNM A 1 6 ? 3.167  -2.343 -1.080 1.00 0.00 ? 6 YNM A HA   3 
HETATM 333 H HM1C . YNM A 1 6 ? 0.368  -3.778 -2.872 1.00 0.00 ? 6 YNM A HM1C 3 
HETATM 334 H HM2C . YNM A 1 6 ? -0.747 -3.619 -1.517 1.00 0.00 ? 6 YNM A HM2C 3 
HETATM 335 H HM3C . YNM A 1 6 ? 0.358  -4.991 -1.593 1.00 0.00 ? 6 YNM A HM3C 3 
HETATM 336 H HB2  . YNM A 1 6 ? 3.922  -3.309 -3.149 1.00 0.00 ? 6 YNM A HB2  3 
HETATM 337 H HB3  . YNM A 1 6 ? 2.291  -3.822 -3.566 1.00 0.00 ? 6 YNM A HB3  3 
HETATM 338 H HD1  . YNM A 1 6 ? 1.703  -6.021 -3.185 1.00 0.00 ? 6 YNM A HD1  3 
HETATM 339 H HD2  . YNM A 1 6 ? 4.826  -4.301 -0.863 1.00 0.00 ? 6 YNM A HD2  3 
HETATM 340 H HE1  . YNM A 1 6 ? 2.109  -8.203 -2.125 1.00 0.00 ? 6 YNM A HE1  3 
HETATM 341 H HE2  . YNM A 1 6 ? 5.241  -6.478 0.203  1.00 0.00 ? 6 YNM A HE2  3 
HETATM 342 H HH   . YNM A 1 6 ? 3.090  -9.109 -0.093 1.00 0.00 ? 6 YNM A HH   3 
ATOM   343 N N    . LEU A 1 1 ? 1.003  -0.641 -2.054 1.00 0.00 ? 1 LEU A N    4 
ATOM   344 C CA   . LEU A 1 1 ? 0.506  0.571  -2.698 1.00 0.00 ? 1 LEU A CA   4 
ATOM   345 C C    . LEU A 1 1 ? 0.176  1.641  -1.660 1.00 0.00 ? 1 LEU A C    4 
ATOM   346 O O    . LEU A 1 1 ? -0.981 1.816  -1.281 1.00 0.00 ? 1 LEU A O    4 
ATOM   347 C CB   . LEU A 1 1 ? -0.736 0.253  -3.536 1.00 0.00 ? 1 LEU A CB   4 
ATOM   348 C CG   . LEU A 1 1 ? -0.495 0.155  -5.044 1.00 0.00 ? 1 LEU A CG   4 
ATOM   349 C CD1  . LEU A 1 1 ? 0.027  1.477  -5.588 1.00 0.00 ? 1 LEU A CD1  4 
ATOM   350 C CD2  . LEU A 1 1 ? 0.477  -0.974 -5.355 1.00 0.00 ? 1 LEU A CD2  4 
ATOM   351 H H1   . LEU A 1 1 ? 0.585  -0.942 -1.220 1.00 0.00 ? 1 LEU A H1   4 
ATOM   352 H HA   . LEU A 1 1 ? 1.284  0.943  -3.347 1.00 0.00 ? 1 LEU A HA   4 
ATOM   353 H HB2  . LEU A 1 1 ? -1.142 -0.688 -3.196 1.00 0.00 ? 1 LEU A HB2  4 
ATOM   354 H HB3  . LEU A 1 1 ? -1.470 1.026  -3.363 1.00 0.00 ? 1 LEU A HB3  4 
ATOM   355 H HG   . LEU A 1 1 ? -1.430 -0.062 -5.537 1.00 0.00 ? 1 LEU A HG   4 
ATOM   356 H HD11 . LEU A 1 1 ? -0.787 2.029  -6.032 1.00 0.00 ? 1 LEU A HD11 4 
ATOM   357 H HD12 . LEU A 1 1 ? 0.782  1.285  -6.338 1.00 0.00 ? 1 LEU A HD12 4 
ATOM   358 H HD13 . LEU A 1 1 ? 0.458  2.053  -4.784 1.00 0.00 ? 1 LEU A HD13 4 
ATOM   359 H HD21 . LEU A 1 1 ? 0.492  -1.673 -4.533 1.00 0.00 ? 1 LEU A HD21 4 
ATOM   360 H HD22 . LEU A 1 1 ? 1.467  -0.568 -5.500 1.00 0.00 ? 1 LEU A HD22 4 
ATOM   361 H HD23 . LEU A 1 1 ? 0.162  -1.483 -6.254 1.00 0.00 ? 1 LEU A HD23 4 
HETATM 362 N N    . DLE A 1 2 ? 1.202  2.354  -1.206 1.00 0.00 ? 2 DLE A N    4 
HETATM 363 C CA   . DLE A 1 2 ? 1.022  3.409  -0.214 1.00 0.00 ? 2 DLE A CA   4 
HETATM 364 C CB   . DLE A 1 2 ? 2.340  4.151  0.016  1.00 0.00 ? 2 DLE A CB   4 
HETATM 365 C CG   . DLE A 1 2 ? 2.296  5.234  1.096  1.00 0.00 ? 2 DLE A CG   4 
HETATM 366 C CD1  . DLE A 1 2 ? 3.685  5.805  1.335  1.00 0.00 ? 2 DLE A CD1  4 
HETATM 367 C CD2  . DLE A 1 2 ? 1.324  6.337  0.705  1.00 0.00 ? 2 DLE A CD2  4 
HETATM 368 C C    . DLE A 1 2 ? 0.507  2.841  1.107  1.00 0.00 ? 2 DLE A C    4 
HETATM 369 O O    . DLE A 1 2 ? 1.230  2.142  1.817  1.00 0.00 ? 2 DLE A O    4 
HETATM 370 H H    . DLE A 1 2 ? 2.101  2.168  -1.547 1.00 0.00 ? 2 DLE A H    4 
HETATM 371 H HA   . DLE A 1 2 ? 0.292  4.105  -0.599 1.00 0.00 ? 2 DLE A HA   4 
HETATM 372 H HB2  . DLE A 1 2 ? 2.636  4.614  -0.913 1.00 0.00 ? 2 DLE A HB2  4 
HETATM 373 H HB3  . DLE A 1 2 ? 3.093  3.426  0.294  1.00 0.00 ? 2 DLE A HB3  4 
HETATM 374 H HG   . DLE A 1 2 ? 1.952  4.797  2.022  1.00 0.00 ? 2 DLE A HG   4 
HETATM 375 H HD11 . DLE A 1 2 ? 3.813  6.016  2.386  1.00 0.00 ? 2 DLE A HD11 4 
HETATM 376 H HD12 . DLE A 1 2 ? 3.802  6.718  0.769  1.00 0.00 ? 2 DLE A HD12 4 
HETATM 377 H HD13 . DLE A 1 2 ? 4.429  5.089  1.018  1.00 0.00 ? 2 DLE A HD13 4 
HETATM 378 H HD21 . DLE A 1 2 ? 1.494  6.617  -0.324 1.00 0.00 ? 2 DLE A HD21 4 
HETATM 379 H HD22 . DLE A 1 2 ? 1.478  7.195  1.341  1.00 0.00 ? 2 DLE A HD22 4 
HETATM 380 H HD23 . DLE A 1 2 ? 0.311  5.980  0.818  1.00 0.00 ? 2 DLE A HD23 4 
ATOM   381 N N    . LEU A 1 3 ? -0.747 3.148  1.430  1.00 0.00 ? 3 LEU A N    4 
ATOM   382 C CA   . LEU A 1 3 ? -1.357 2.670  2.665  1.00 0.00 ? 3 LEU A CA   4 
ATOM   383 C C    . LEU A 1 3 ? -2.190 1.415  2.421  1.00 0.00 ? 3 LEU A C    4 
ATOM   384 O O    . LEU A 1 3 ? -3.141 1.138  3.152  1.00 0.00 ? 3 LEU A O    4 
ATOM   385 C CB   . LEU A 1 3 ? -2.234 3.764  3.280  1.00 0.00 ? 3 LEU A CB   4 
ATOM   386 C CG   . LEU A 1 3 ? -3.486 4.120  2.475  1.00 0.00 ? 3 LEU A CG   4 
ATOM   387 C CD1  . LEU A 1 3 ? -4.654 4.414  3.403  1.00 0.00 ? 3 LEU A CD1  4 
ATOM   388 C CD2  . LEU A 1 3 ? -3.213 5.308  1.564  1.00 0.00 ? 3 LEU A CD2  4 
ATOM   389 H H    . LEU A 1 3 ? -1.272 3.711  0.823  1.00 0.00 ? 3 LEU A H    4 
ATOM   390 H HA   . LEU A 1 3 ? -0.562 2.431  3.356  1.00 0.00 ? 3 LEU A HA   4 
ATOM   391 H HB2  . LEU A 1 3 ? -2.542 3.438  4.263  1.00 0.00 ? 3 LEU A HB2  4 
ATOM   392 H HB3  . LEU A 1 3 ? -1.637 4.657  3.387  1.00 0.00 ? 3 LEU A HB3  4 
ATOM   393 H HG   . LEU A 1 3 ? -3.758 3.278  1.855  1.00 0.00 ? 3 LEU A HG   4 
ATOM   394 H HD11 . LEU A 1 3 ? -4.978 3.499  3.876  1.00 0.00 ? 3 LEU A HD11 4 
ATOM   395 H HD12 . LEU A 1 3 ? -5.469 4.834  2.834  1.00 0.00 ? 3 LEU A HD12 4 
ATOM   396 H HD13 . LEU A 1 3 ? -4.342 5.119  4.160  1.00 0.00 ? 3 LEU A HD13 4 
ATOM   397 H HD21 . LEU A 1 3 ? -3.705 5.155  0.615  1.00 0.00 ? 3 LEU A HD21 4 
ATOM   398 H HD22 . LEU A 1 3 ? -2.149 5.405  1.406  1.00 0.00 ? 3 LEU A HD22 4 
ATOM   399 H HD23 . LEU A 1 3 ? -3.592 6.208  2.023  1.00 0.00 ? 3 LEU A HD23 4 
ATOM   400 N N    . LEU A 1 4 ? -1.827 0.657  1.391  1.00 0.00 ? 4 LEU A N    4 
ATOM   401 C CA   . LEU A 1 4 ? -2.542 -0.568 1.056  1.00 0.00 ? 4 LEU A CA   4 
ATOM   402 C C    . LEU A 1 4 ? -1.582 -1.620 0.503  1.00 0.00 ? 4 LEU A C    4 
ATOM   403 O O    . LEU A 1 4 ? -1.358 -1.690 -0.704 1.00 0.00 ? 4 LEU A O    4 
ATOM   404 C CB   . LEU A 1 4 ? -3.645 -0.277 0.035  1.00 0.00 ? 4 LEU A CB   4 
ATOM   405 C CG   . LEU A 1 4 ? -4.965 -1.007 0.282  1.00 0.00 ? 4 LEU A CG   4 
ATOM   406 C CD1  . LEU A 1 4 ? -4.733 -2.504 0.408  1.00 0.00 ? 4 LEU A CD1  4 
ATOM   407 C CD2  . LEU A 1 4 ? -5.647 -0.464 1.529  1.00 0.00 ? 4 LEU A CD2  4 
ATOM   408 H H    . LEU A 1 4 ? -1.060 0.928  0.845  1.00 0.00 ? 4 LEU A H    4 
ATOM   409 H HA   . LEU A 1 4 ? -2.992 -0.948 1.961  1.00 0.00 ? 4 LEU A HA   4 
ATOM   410 H HB2  . LEU A 1 4 ? -3.838 0.786  0.040  1.00 0.00 ? 4 LEU A HB2  4 
ATOM   411 H HB3  . LEU A 1 4 ? -3.283 -0.555 -0.944 1.00 0.00 ? 4 LEU A HB3  4 
ATOM   412 H HG   . LEU A 1 4 ? -5.624 -0.841 -0.559 1.00 0.00 ? 4 LEU A HG   4 
ATOM   413 H HD11 . LEU A 1 4 ? -3.813 -2.769 -0.092 1.00 0.00 ? 4 LEU A HD11 4 
ATOM   414 H HD12 . LEU A 1 4 ? -5.556 -3.036 -0.048 1.00 0.00 ? 4 LEU A HD12 4 
ATOM   415 H HD13 . LEU A 1 4 ? -4.665 -2.771 1.452  1.00 0.00 ? 4 LEU A HD13 4 
ATOM   416 H HD21 . LEU A 1 4 ? -6.344 0.311  1.251  1.00 0.00 ? 4 LEU A HD21 4 
ATOM   417 H HD22 . LEU A 1 4 ? -4.903 -0.056 2.197  1.00 0.00 ? 4 LEU A HD22 4 
ATOM   418 H HD23 . LEU A 1 4 ? -6.177 -1.263 2.027  1.00 0.00 ? 4 LEU A HD23 4 
HETATM 419 N N    . DPR A 1 5 ? -0.994 -2.448 1.386  1.00 0.00 ? 5 DPR A N    4 
HETATM 420 C CA   . DPR A 1 5 ? -0.047 -3.493 0.979  1.00 0.00 ? 5 DPR A CA   4 
HETATM 421 C CB   . DPR A 1 5 ? 0.375  -4.141 2.305  1.00 0.00 ? 5 DPR A CB   4 
HETATM 422 C CG   . DPR A 1 5 ? 0.014  -3.149 3.358  1.00 0.00 ? 5 DPR A CG   4 
HETATM 423 C CD   . DPR A 1 5 ? -1.195 -2.425 2.843  1.00 0.00 ? 5 DPR A CD   4 
HETATM 424 C C    . DPR A 1 5 ? 1.171  -2.908 0.263  1.00 0.00 ? 5 DPR A C    4 
HETATM 425 O O    . DPR A 1 5 ? 1.999  -2.247 0.889  1.00 0.00 ? 5 DPR A O    4 
HETATM 426 H HA   . DPR A 1 5 ? -0.520 -4.231 0.351  1.00 0.00 ? 5 DPR A HA   4 
HETATM 427 H HB2  . DPR A 1 5 ? 1.438  -4.331 2.293  1.00 0.00 ? 5 DPR A HB2  4 
HETATM 428 H HB3  . DPR A 1 5 ? -0.160 -5.070 2.440  1.00 0.00 ? 5 DPR A HB3  4 
HETATM 429 H HG2  . DPR A 1 5 ? 0.831  -2.458 3.507  1.00 0.00 ? 5 DPR A HG2  4 
HETATM 430 H HG3  . DPR A 1 5 ? -0.219 -3.660 4.281  1.00 0.00 ? 5 DPR A HG3  4 
HETATM 431 H HD2  . DPR A 1 5 ? -1.216 -1.411 3.214  1.00 0.00 ? 5 DPR A HD2  4 
HETATM 432 H HD3  . DPR A 1 5 ? -2.097 -2.951 3.118  1.00 0.00 ? 5 DPR A HD3  4 
HETATM 433 N N    . YNM A 1 6 ? 1.284  -3.135 -1.052 1.00 0.00 ? 6 YNM A N    4 
HETATM 434 C CA   . YNM A 1 6 ? 2.420  -2.592 -1.790 1.00 0.00 ? 6 YNM A CA   4 
HETATM 435 C C    . YNM A 1 6 ? 2.006  -1.347 -2.569 1.00 0.00 ? 6 YNM A C    4 
HETATM 436 O O    . YNM A 1 6 ? 2.581  -1.034 -3.612 1.00 0.00 ? 6 YNM A O    4 
HETATM 437 C CB   . YNM A 1 6 ? 2.999  -3.640 -2.746 1.00 0.00 ? 6 YNM A CB   4 
HETATM 438 C CG   . YNM A 1 6 ? 4.434  -3.373 -3.139 1.00 0.00 ? 6 YNM A CG   4 
HETATM 439 C CD1  . YNM A 1 6 ? 5.487  -3.839 -2.362 1.00 0.00 ? 6 YNM A CD1  4 
HETATM 440 C CD2  . YNM A 1 6 ? 4.737  -2.655 -4.290 1.00 0.00 ? 6 YNM A CD2  4 
HETATM 441 C CE1  . YNM A 1 6 ? 6.799  -3.597 -2.719 1.00 0.00 ? 6 YNM A CE1  4 
HETATM 442 C CE2  . YNM A 1 6 ? 6.047  -2.409 -4.653 1.00 0.00 ? 6 YNM A CE2  4 
HETATM 443 O OH   . YNM A 1 6 ? 8.380  -2.639 -4.224 1.00 0.00 ? 6 YNM A OH   4 
HETATM 444 C CZ   . YNM A 1 6 ? 7.075  -2.882 -3.865 1.00 0.00 ? 6 YNM A CZ   4 
HETATM 445 C CM   . YNM A 1 6 ? 0.259  -3.925 -1.805 1.00 0.00 ? 6 YNM A CM   4 
HETATM 446 H HA   . YNM A 1 6 ? 3.178  -2.313 -1.072 1.00 0.00 ? 6 YNM A HA   4 
HETATM 447 H HM1C . YNM A 1 6 ? 0.382  -3.758 -2.864 1.00 0.00 ? 6 YNM A HM1C 4 
HETATM 448 H HM2C . YNM A 1 6 ? -0.730 -3.614 -1.504 1.00 0.00 ? 6 YNM A HM2C 4 
HETATM 449 H HM3C . YNM A 1 6 ? 0.385  -4.976 -1.590 1.00 0.00 ? 6 YNM A HM3C 4 
HETATM 450 H HB2  . YNM A 1 6 ? 2.405  -3.662 -3.647 1.00 0.00 ? 6 YNM A HB2  4 
HETATM 451 H HB3  . YNM A 1 6 ? 2.961  -4.608 -2.271 1.00 0.00 ? 6 YNM A HB3  4 
HETATM 452 H HD1  . YNM A 1 6 ? 5.267  -4.399 -1.464 1.00 0.00 ? 6 YNM A HD1  4 
HETATM 453 H HD2  . YNM A 1 6 ? 3.929  -2.284 -4.905 1.00 0.00 ? 6 YNM A HD2  4 
HETATM 454 H HE1  . YNM A 1 6 ? 7.604  -3.968 -2.101 1.00 0.00 ? 6 YNM A HE1  4 
HETATM 455 H HE2  . YNM A 1 6 ? 6.262  -1.848 -5.552 1.00 0.00 ? 6 YNM A HE2  4 
HETATM 456 H HH   . YNM A 1 6 ? 8.482  -2.770 -5.169 1.00 0.00 ? 6 YNM A HH   4 
ATOM   457 N N    . LEU A 1 1 ? 1.115  -0.623 -2.043 1.00 0.00 ? 1 LEU A N    5 
ATOM   458 C CA   . LEU A 1 1 ? 0.651  0.587  -2.709 1.00 0.00 ? 1 LEU A CA   5 
ATOM   459 C C    . LEU A 1 1 ? 0.219  1.638  -1.690 1.00 0.00 ? 1 LEU A C    5 
ATOM   460 O O    . LEU A 1 1 ? -0.952 1.708  -1.314 1.00 0.00 ? 1 LEU A O    5 
ATOM   461 C CB   . LEU A 1 1 ? -0.509 0.263  -3.653 1.00 0.00 ? 1 LEU A CB   5 
ATOM   462 C CG   . LEU A 1 1 ? -0.443 0.945  -5.020 1.00 0.00 ? 1 LEU A CG   5 
ATOM   463 C CD1  . LEU A 1 1 ? -1.660 0.583  -5.857 1.00 0.00 ? 1 LEU A CD1  5 
ATOM   464 C CD2  . LEU A 1 1 ? -0.335 2.453  -4.857 1.00 0.00 ? 1 LEU A CD2  5 
ATOM   465 H H1   . LEU A 1 1 ? 0.733  -0.862 -1.172 1.00 0.00 ? 1 LEU A H1   5 
ATOM   466 H HA   . LEU A 1 1 ? 1.473  0.982  -3.288 1.00 0.00 ? 1 LEU A HA   5 
ATOM   467 H HB2  . LEU A 1 1 ? -0.530 -0.807 -3.808 1.00 0.00 ? 1 LEU A HB2  5 
ATOM   468 H HB3  . LEU A 1 1 ? -1.431 0.556  -3.173 1.00 0.00 ? 1 LEU A HB3  5 
ATOM   469 H HG   . LEU A 1 1 ? 0.436  0.601  -5.545 1.00 0.00 ? 1 LEU A HG   5 
ATOM   470 H HD11 . LEU A 1 1 ? -2.088 -0.339 -5.490 1.00 0.00 ? 1 LEU A HD11 5 
ATOM   471 H HD12 . LEU A 1 1 ? -1.364 0.457  -6.887 1.00 0.00 ? 1 LEU A HD12 5 
ATOM   472 H HD13 . LEU A 1 1 ? -2.393 1.374  -5.786 1.00 0.00 ? 1 LEU A HD13 5 
ATOM   473 H HD21 . LEU A 1 1 ? -0.658 2.937  -5.768 1.00 0.00 ? 1 LEU A HD21 5 
ATOM   474 H HD22 . LEU A 1 1 ? 0.690  2.721  -4.651 1.00 0.00 ? 1 LEU A HD22 5 
ATOM   475 H HD23 . LEU A 1 1 ? -0.963 2.773  -4.038 1.00 0.00 ? 1 LEU A HD23 5 
HETATM 476 N N    . DLE A 1 2 ? 1.171  2.453  -1.249 1.00 0.00 ? 2 DLE A N    5 
HETATM 477 C CA   . DLE A 1 2 ? 0.890  3.501  -0.274 1.00 0.00 ? 2 DLE A CA   5 
HETATM 478 C CB   . DLE A 1 2 ? 2.121  4.388  -0.077 1.00 0.00 ? 2 DLE A CB   5 
HETATM 479 C CG   . DLE A 1 2 ? 2.814  4.831  -1.371 1.00 0.00 ? 2 DLE A CG   5 
HETATM 480 C CD1  . DLE A 1 2 ? 2.716  6.339  -1.543 1.00 0.00 ? 2 DLE A CD1  5 
HETATM 481 C CD2  . DLE A 1 2 ? 4.269  4.386  -1.378 1.00 0.00 ? 2 DLE A CD2  5 
HETATM 482 C C    . DLE A 1 2 ? 0.461  2.904  1.063  1.00 0.00 ? 2 DLE A C    5 
HETATM 483 O O    . DLE A 1 2 ? 1.239  2.221  1.728  1.00 0.00 ? 2 DLE A O    5 
HETATM 484 H H    . DLE A 1 2 ? 2.085  2.346  -1.587 1.00 0.00 ? 2 DLE A H    5 
HETATM 485 H HA   . DLE A 1 2 ? 0.083  4.104  -0.661 1.00 0.00 ? 2 DLE A HA   5 
HETATM 486 H HB2  . DLE A 1 2 ? 2.837  3.845  0.521  1.00 0.00 ? 2 DLE A HB2  5 
HETATM 487 H HB3  . DLE A 1 2 ? 1.817  5.270  0.467  1.00 0.00 ? 2 DLE A HB3  5 
HETATM 488 H HG   . DLE A 1 2 ? 2.318  4.367  -2.212 1.00 0.00 ? 2 DLE A HG   5 
HETATM 489 H HD11 . DLE A 1 2 ? 3.632  6.800  -1.205 1.00 0.00 ? 2 DLE A HD11 5 
HETATM 490 H HD12 . DLE A 1 2 ? 1.888  6.714  -0.960 1.00 0.00 ? 2 DLE A HD12 5 
HETATM 491 H HD13 . DLE A 1 2 ? 2.558  6.573  -2.586 1.00 0.00 ? 2 DLE A HD13 5 
HETATM 492 H HD21 . DLE A 1 2 ? 4.345  3.407  -1.828 1.00 0.00 ? 2 DLE A HD21 5 
HETATM 493 H HD22 . DLE A 1 2 ? 4.639  4.346  -0.364 1.00 0.00 ? 2 DLE A HD22 5 
HETATM 494 H HD23 . DLE A 1 2 ? 4.857  5.090  -1.948 1.00 0.00 ? 2 DLE A HD23 5 
ATOM   495 N N    . LEU A 1 3 ? -0.783 3.169  1.451  1.00 0.00 ? 3 LEU A N    5 
ATOM   496 C CA   . LEU A 1 3 ? -1.314 2.659  2.711  1.00 0.00 ? 3 LEU A CA   5 
ATOM   497 C C    . LEU A 1 3 ? -2.149 1.402  2.486  1.00 0.00 ? 3 LEU A C    5 
ATOM   498 O O    . LEU A 1 3 ? -3.068 1.112  3.251  1.00 0.00 ? 3 LEU A O    5 
ATOM   499 C CB   . LEU A 1 3 ? -2.160 3.730  3.404  1.00 0.00 ? 3 LEU A CB   5 
ATOM   500 C CG   . LEU A 1 3 ? -3.057 4.552  2.477  1.00 0.00 ? 3 LEU A CG   5 
ATOM   501 C CD1  . LEU A 1 3 ? -3.940 3.641  1.639  1.00 0.00 ? 3 LEU A CD1  5 
ATOM   502 C CD2  . LEU A 1 3 ? -3.904 5.525  3.283  1.00 0.00 ? 3 LEU A CD2  5 
ATOM   503 H H    . LEU A 1 3 ? -1.355 3.721  0.878  1.00 0.00 ? 3 LEU A H    5 
ATOM   504 H HA   . LEU A 1 3 ? -0.477 2.410  3.346  1.00 0.00 ? 3 LEU A HA   5 
ATOM   505 H HB2  . LEU A 1 3 ? -2.787 3.243  4.138  1.00 0.00 ? 3 LEU A HB2  5 
ATOM   506 H HB3  . LEU A 1 3 ? -1.494 4.407  3.918  1.00 0.00 ? 3 LEU A HB3  5 
ATOM   507 H HG   . LEU A 1 3 ? -2.437 5.126  1.803  1.00 0.00 ? 3 LEU A HG   5 
ATOM   508 H HD11 . LEU A 1 3 ? -3.329 3.089  0.941  1.00 0.00 ? 3 LEU A HD11 5 
ATOM   509 H HD12 . LEU A 1 3 ? -4.659 4.236  1.097  1.00 0.00 ? 3 LEU A HD12 5 
ATOM   510 H HD13 . LEU A 1 3 ? -4.460 2.950  2.287  1.00 0.00 ? 3 LEU A HD13 5 
ATOM   511 H HD21 . LEU A 1 3 ? -3.289 6.003  4.032  1.00 0.00 ? 3 LEU A HD21 5 
ATOM   512 H HD22 . LEU A 1 3 ? -4.708 4.989  3.765  1.00 0.00 ? 3 LEU A HD22 5 
ATOM   513 H HD23 . LEU A 1 3 ? -4.315 6.276  2.624  1.00 0.00 ? 3 LEU A HD23 5 
ATOM   514 N N    . LEU A 1 4 ? -1.824 0.660  1.433  1.00 0.00 ? 4 LEU A N    5 
ATOM   515 C CA   . LEU A 1 4 ? -2.545 -0.566 1.111  1.00 0.00 ? 4 LEU A CA   5 
ATOM   516 C C    . LEU A 1 4 ? -1.600 -1.613 0.524  1.00 0.00 ? 4 LEU A C    5 
ATOM   517 O O    . LEU A 1 4 ? -1.369 -1.641 -0.683 1.00 0.00 ? 4 LEU A O    5 
ATOM   518 C CB   . LEU A 1 4 ? -3.674 -0.272 0.123  1.00 0.00 ? 4 LEU A CB   5 
ATOM   519 C CG   . LEU A 1 4 ? -4.495 -1.491 -0.302 1.00 0.00 ? 4 LEU A CG   5 
ATOM   520 C CD1  . LEU A 1 4 ? -5.647 -1.722 0.664  1.00 0.00 ? 4 LEU A CD1  5 
ATOM   521 C CD2  . LEU A 1 4 ? -5.016 -1.314 -1.720 1.00 0.00 ? 4 LEU A CD2  5 
ATOM   522 H H    . LEU A 1 4 ? -1.080 0.942  0.858  1.00 0.00 ? 4 LEU A H    5 
ATOM   523 H HA   . LEU A 1 4 ? -2.970 -0.951 2.026  1.00 0.00 ? 4 LEU A HA   5 
ATOM   524 H HB2  . LEU A 1 4 ? -4.343 0.447  0.575  1.00 0.00 ? 4 LEU A HB2  5 
ATOM   525 H HB3  . LEU A 1 4 ? -3.244 0.170  -0.763 1.00 0.00 ? 4 LEU A HB3  5 
ATOM   526 H HG   . LEU A 1 4 ? -3.863 -2.366 -0.284 1.00 0.00 ? 4 LEU A HG   5 
ATOM   527 H HD11 . LEU A 1 4 ? -6.305 -2.479 0.264  1.00 0.00 ? 4 LEU A HD11 5 
ATOM   528 H HD12 . LEU A 1 4 ? -6.194 -0.801 0.799  1.00 0.00 ? 4 LEU A HD12 5 
ATOM   529 H HD13 . LEU A 1 4 ? -5.256 -2.052 1.616  1.00 0.00 ? 4 LEU A HD13 5 
ATOM   530 H HD21 . LEU A 1 4 ? -4.272 -1.660 -2.423 1.00 0.00 ? 4 LEU A HD21 5 
ATOM   531 H HD22 . LEU A 1 4 ? -5.222 -0.269 -1.901 1.00 0.00 ? 4 LEU A HD22 5 
ATOM   532 H HD23 . LEU A 1 4 ? -5.922 -1.886 -1.845 1.00 0.00 ? 4 LEU A HD23 5 
HETATM 533 N N    . DPR A 1 5 ? -1.038 -2.490 1.377  1.00 0.00 ? 5 DPR A N    5 
HETATM 534 C CA   . DPR A 1 5 ? -0.111 -3.539 0.935  1.00 0.00 ? 5 DPR A CA   5 
HETATM 535 C CB   . DPR A 1 5 ? 0.282  -4.254 2.235  1.00 0.00 ? 5 DPR A CB   5 
HETATM 536 C CG   . DPR A 1 5 ? -0.067 -3.302 3.327  1.00 0.00 ? 5 DPR A CG   5 
HETATM 537 C CD   . DPR A 1 5 ? -1.252 -2.525 2.832  1.00 0.00 ? 5 DPR A CD   5 
HETATM 538 C C    . DPR A 1 5 ? 1.129  -2.960 0.251  1.00 0.00 ? 5 DPR A C    5 
HETATM 539 O O    . DPR A 1 5 ? 1.952  -2.318 0.904  1.00 0.00 ? 5 DPR A O    5 
HETATM 540 H HA   . DPR A 1 5 ? -0.598 -4.239 0.273  1.00 0.00 ? 5 DPR A HA   5 
HETATM 541 H HB2  . DPR A 1 5 ? 1.341  -4.468 2.224  1.00 0.00 ? 5 DPR A HB2  5 
HETATM 542 H HB3  . DPR A 1 5 ? -0.274 -5.176 2.323  1.00 0.00 ? 5 DPR A HB3  5 
HETATM 543 H HG2  . DPR A 1 5 ? 0.763  -2.638 3.517  1.00 0.00 ? 5 DPR A HG2  5 
HETATM 544 H HG3  . DPR A 1 5 ? -0.325 -3.848 4.222  1.00 0.00 ? 5 DPR A HG3  5 
HETATM 545 H HD2  . DPR A 1 5 ? -1.251 -1.528 3.246  1.00 0.00 ? 5 DPR A HD2  5 
HETATM 546 H HD3  . DPR A 1 5 ? -2.171 -3.038 3.077  1.00 0.00 ? 5 DPR A HD3  5 
HETATM 547 N N    . YNM A 1 6 ? 1.268  -3.175 -1.064 1.00 0.00 ? 6 YNM A N    5 
HETATM 548 C CA   . YNM A 1 6 ? 2.428  -2.641 -1.771 1.00 0.00 ? 6 YNM A CA   5 
HETATM 549 C C    . YNM A 1 6 ? 2.041  -1.408 -2.583 1.00 0.00 ? 6 YNM A C    5 
HETATM 550 O O    . YNM A 1 6 ? 2.568  -1.174 -3.670 1.00 0.00 ? 6 YNM A O    5 
HETATM 551 C CB   . YNM A 1 6 ? 3.044  -3.707 -2.686 1.00 0.00 ? 6 YNM A CB   5 
HETATM 552 C CG   . YNM A 1 6 ? 4.424  -4.150 -2.255 1.00 0.00 ? 6 YNM A CG   5 
HETATM 553 C CD1  . YNM A 1 6 ? 4.696  -5.487 -1.995 1.00 0.00 ? 6 YNM A CD1  5 
HETATM 554 C CD2  . YNM A 1 6 ? 5.454  -3.229 -2.107 1.00 0.00 ? 6 YNM A CD2  5 
HETATM 555 C CE1  . YNM A 1 6 ? 5.955  -5.895 -1.599 1.00 0.00 ? 6 YNM A CE1  5 
HETATM 556 C CE2  . YNM A 1 6 ? 6.717  -3.630 -1.713 1.00 0.00 ? 6 YNM A CE2  5 
HETATM 557 O OH   . YNM A 1 6 ? 8.217  -5.365 -1.066 1.00 0.00 ? 6 YNM A OH   5 
HETATM 558 C CZ   . YNM A 1 6 ? 6.962  -4.963 -1.459 1.00 0.00 ? 6 YNM A CZ   5 
HETATM 559 C CM   . YNM A 1 6 ? 0.215  -3.881 -1.858 1.00 0.00 ? 6 YNM A CM   5 
HETATM 560 H HA   . YNM A 1 6 ? 3.160  -2.351 -1.032 1.00 0.00 ? 6 YNM A HA   5 
HETATM 561 H HM1C . YNM A 1 6 ? 0.285  -4.944 -1.685 1.00 0.00 ? 6 YNM A HM1C 5 
HETATM 562 H HM2C . YNM A 1 6 ? 0.360  -3.676 -2.908 1.00 0.00 ? 6 YNM A HM2C 5 
HETATM 563 H HM3C . YNM A 1 6 ? -0.761 -3.533 -1.556 1.00 0.00 ? 6 YNM A HM3C 5 
HETATM 564 H HB2  . YNM A 1 6 ? 3.119  -3.315 -3.690 1.00 0.00 ? 6 YNM A HB2  5 
HETATM 565 H HB3  . YNM A 1 6 ? 2.406  -4.578 -2.693 1.00 0.00 ? 6 YNM A HB3  5 
HETATM 566 H HD1  . YNM A 1 6 ? 3.905  -6.215 -2.104 1.00 0.00 ? 6 YNM A HD1  5 
HETATM 567 H HD2  . YNM A 1 6 ? 5.259  -2.186 -2.306 1.00 0.00 ? 6 YNM A HD2  5 
HETATM 568 H HE1  . YNM A 1 6 ? 6.148  -6.939 -1.402 1.00 0.00 ? 6 YNM A HE1  5 
HETATM 569 H HE2  . YNM A 1 6 ? 7.505  -2.900 -1.603 1.00 0.00 ? 6 YNM A HE2  5 
HETATM 570 H HH   . YNM A 1 6 ? 8.375  -5.085 -0.161 1.00 0.00 ? 6 YNM A HH   5 
# 
